data_5CSU
#
_entry.id   5CSU
#
_cell.length_a   70.830
_cell.length_b   74.130
_cell.length_c   79.730
_cell.angle_alpha   64.590
_cell.angle_beta   69.760
_cell.angle_gamma   66.570
#
_symmetry.space_group_name_H-M   'P 1'
#
loop_
_entity.id
_entity.type
_entity.pdbx_description
1 polymer '4-alpha-glucanotransferase DPE1, chloroplastic/amyloplastic'
2 branched 4-amino-4,6-dideoxy-alpha-D-glucopyranose-(1-4)-alpha-D-glucopyranose
3 branched 4-amino-4,6-dideoxy-alpha-D-glucopyranose-(1-4)-alpha-D-glucopyranose-(1-4)-beta-D-glucopyranose
4 non-polymer 1,2-ETHANEDIOL
5 non-polymer 5-HYDROXYMETHYL-CHONDURITOL
6 water water
#
_entity_poly.entity_id   1
_entity_poly.type   'polypeptide(L)'
_entity_poly.pdbx_seq_one_letter_code
;MHHHHHHGKPIPNPLLGLDSTENLYFQGIDPFTMEVVSSNSTCLSSISVGEDFPSEYEQWLPVPDPESRRRAGVLLHPTS
FRGPHGIGDLGEEAFRFIDWLHSTGCSVWQVLPLVPPDEGGSPYAGQDANCGNTLLISLDELVKDGLLIKDELPQPIDAD
SVNYQTANKLKSPLITKAAKRLIDGNGELKSKLLDFRNDPSISCWLEDAAYFAAIDNTLNAYSWFEWPEPLKNRHLSALE
AIYESQKEFIDLFIAKQFLFQRQWQKVREYARRQGVDIMGDMPIYVGYHSADVWANKKHFLLNKKGFPLLVSGVPPDLFS
ETGQLWGSPLYDWKAMESDQYSWWVNRIRRAQDLYDECRIDHFRGFAGFWAVPSEAKVAMVGRWKVGPGKSLFDAISKGV
GKIKIIAEDLGVITKDVVELRKSIGAPGMAVLQFAFGGGADNPHLPHNHEVNQVVYSGTHDNDTIRGWWDTLDQEEKSKA
MKYLSIAGEDDISWSVIQAAFSSTAQTAIIPMQDILGLGSSARMNTPATEVGNWGWRIPSSTSFDNLETESDRLRDLLSL
YGRL
;
_entity_poly.pdbx_strand_id   A,B
#
loop_
_chem_comp.id
_chem_comp.type
_chem_comp.name
_chem_comp.formula
AGL D-saccharide, alpha linking 4-amino-4,6-dideoxy-alpha-D-glucopyranose 'C6 H13 N O4'
BGC D-saccharide, beta linking beta-D-glucopyranose 'C6 H12 O6'
EDO non-polymer 1,2-ETHANEDIOL 'C2 H6 O2'
GLC D-saccharide, alpha linking alpha-D-glucopyranose 'C6 H12 O6'
HMC non-polymer 5-HYDROXYMETHYL-CHONDURITOL 'C7 H12 O5'
#
# COMPACT_ATOMS: atom_id res chain seq x y z
N ILE A 47 33.50 -0.81 -2.14
CA ILE A 47 34.28 -1.09 -0.89
C ILE A 47 34.01 -2.53 -0.43
N SER A 48 35.09 -3.27 -0.19
CA SER A 48 34.99 -4.68 0.17
C SER A 48 34.47 -4.92 1.59
N VAL A 49 34.00 -6.13 1.84
CA VAL A 49 33.41 -6.51 3.14
C VAL A 49 34.40 -6.24 4.28
N GLY A 50 33.95 -5.55 5.32
CA GLY A 50 34.77 -5.28 6.51
C GLY A 50 35.41 -3.92 6.53
N GLU A 51 35.58 -3.31 5.36
CA GLU A 51 36.34 -2.05 5.23
C GLU A 51 35.52 -0.87 5.74
N ASP A 52 36.17 0.28 5.97
CA ASP A 52 35.48 1.49 6.42
C ASP A 52 34.70 2.13 5.26
N PHE A 53 33.55 2.71 5.59
CA PHE A 53 32.82 3.55 4.66
C PHE A 53 33.45 4.97 4.69
N PRO A 54 33.23 5.81 3.64
CA PRO A 54 33.60 7.24 3.69
C PRO A 54 32.80 8.02 4.74
N SER A 55 33.29 9.21 5.08
CA SER A 55 32.75 10.00 6.20
C SER A 55 31.34 10.57 5.97
N GLU A 56 30.85 10.52 4.73
CA GLU A 56 29.47 10.93 4.42
C GLU A 56 28.53 9.73 4.21
N TYR A 57 28.70 8.66 5.00
CA TYR A 57 27.84 7.48 4.90
C TYR A 57 26.46 7.75 5.50
N GLU A 58 26.43 8.37 6.68
CA GLU A 58 25.14 8.73 7.34
C GLU A 58 24.17 9.57 6.50
N GLN A 59 24.71 10.32 5.53
CA GLN A 59 23.93 11.20 4.66
C GLN A 59 23.66 10.62 3.27
N TRP A 60 24.00 9.35 3.06
CA TRP A 60 23.67 8.64 1.83
C TRP A 60 22.26 8.07 1.98
N LEU A 61 21.30 8.99 2.15
CA LEU A 61 19.91 8.65 2.45
C LEU A 61 19.11 8.49 1.16
N PRO A 62 18.06 7.63 1.19
CA PRO A 62 17.35 7.31 -0.05
C PRO A 62 16.49 8.48 -0.51
N VAL A 63 16.48 8.77 -1.80
CA VAL A 63 15.79 9.95 -2.34
C VAL A 63 14.42 9.51 -2.94
N PRO A 64 13.32 10.21 -2.56
CA PRO A 64 11.98 9.82 -3.07
C PRO A 64 11.83 9.95 -4.59
N ASP A 65 11.38 8.89 -5.25
CA ASP A 65 11.15 8.89 -6.70
C ASP A 65 10.10 9.96 -7.06
N PRO A 66 10.42 10.89 -8.00
CA PRO A 66 9.40 11.85 -8.51
C PRO A 66 8.19 11.24 -9.22
N GLU A 67 8.35 10.04 -9.77
CA GLU A 67 7.23 9.30 -10.38
C GLU A 67 6.28 8.71 -9.31
N SER A 68 6.77 8.54 -8.06
CA SER A 68 5.92 8.14 -6.91
C SER A 68 5.19 9.28 -6.19
N ARG A 69 5.24 10.51 -6.72
CA ARG A 69 4.72 11.69 -6.01
C ARG A 69 3.22 11.57 -5.77
N ARG A 70 2.82 11.74 -4.50
CA ARG A 70 1.41 11.75 -4.12
C ARG A 70 0.79 13.06 -4.55
N ARG A 71 -0.47 13.04 -4.94
CA ARG A 71 -1.12 14.24 -5.46
C ARG A 71 -2.63 14.15 -5.39
N ALA A 72 -3.28 15.27 -5.62
CA ALA A 72 -4.74 15.33 -5.58
C ALA A 72 -5.27 16.08 -6.79
N GLY A 73 -6.57 15.92 -7.01
CA GLY A 73 -7.25 16.53 -8.15
C GLY A 73 -8.73 16.75 -8.05
N VAL A 74 -9.24 17.48 -9.03
CA VAL A 74 -10.66 17.82 -9.09
C VAL A 74 -11.19 17.38 -10.43
N LEU A 75 -12.38 16.78 -10.37
CA LEU A 75 -13.15 16.31 -11.55
C LEU A 75 -14.17 17.39 -11.87
N LEU A 76 -14.07 17.97 -13.04
CA LEU A 76 -14.97 19.07 -13.42
C LEU A 76 -14.95 19.21 -14.92
N HIS A 77 -16.10 18.94 -15.53
CA HIS A 77 -16.21 19.01 -17.01
C HIS A 77 -16.44 20.47 -17.42
N PRO A 78 -15.80 20.93 -18.53
CA PRO A 78 -15.92 22.38 -18.88
C PRO A 78 -17.33 22.91 -19.19
N THR A 79 -18.29 22.04 -19.53
CA THR A 79 -19.68 22.44 -19.70
C THR A 79 -20.33 22.95 -18.40
N SER A 80 -19.79 22.57 -17.25
CA SER A 80 -20.29 23.03 -15.94
C SER A 80 -19.88 24.43 -15.47
N PHE A 81 -18.93 25.06 -16.17
CA PHE A 81 -18.55 26.43 -15.90
C PHE A 81 -19.75 27.37 -16.11
N ARG A 82 -19.79 28.45 -15.33
CA ARG A 82 -20.81 29.47 -15.50
C ARG A 82 -20.51 30.27 -16.77
N GLY A 83 -21.47 31.11 -17.14
CA GLY A 83 -21.33 32.00 -18.26
C GLY A 83 -22.71 32.27 -18.83
N PRO A 84 -22.83 33.32 -19.65
CA PRO A 84 -24.12 33.75 -20.20
C PRO A 84 -24.66 32.99 -21.45
N HIS A 85 -23.93 32.01 -22.00
CA HIS A 85 -24.29 31.38 -23.29
C HIS A 85 -24.90 29.98 -23.16
N GLY A 86 -25.54 29.70 -22.04
CA GLY A 86 -26.23 28.42 -21.84
C GLY A 86 -25.37 27.22 -21.49
N ILE A 87 -24.05 27.39 -21.53
CA ILE A 87 -23.09 26.30 -21.42
C ILE A 87 -21.72 26.88 -21.07
N GLY A 88 -20.90 26.11 -20.38
CA GLY A 88 -19.53 26.49 -20.08
C GLY A 88 -18.64 26.38 -21.30
N ASP A 89 -17.56 27.14 -21.33
CA ASP A 89 -16.65 27.17 -22.47
C ASP A 89 -15.16 27.24 -22.05
N LEU A 90 -14.27 27.20 -23.03
CA LEU A 90 -12.82 27.25 -22.79
C LEU A 90 -12.27 28.70 -22.70
N GLY A 91 -13.07 29.63 -22.19
CA GLY A 91 -12.67 31.02 -22.04
C GLY A 91 -12.21 31.30 -20.61
N GLU A 92 -12.60 32.46 -20.08
CA GLU A 92 -12.07 32.99 -18.82
C GLU A 92 -12.33 32.07 -17.59
N GLU A 93 -13.52 31.49 -17.49
CA GLU A 93 -13.83 30.54 -16.40
C GLU A 93 -12.85 29.38 -16.29
N ALA A 94 -12.44 28.84 -17.43
CA ALA A 94 -11.39 27.80 -17.44
C ALA A 94 -10.04 28.23 -16.77
N PHE A 95 -9.62 29.47 -17.03
CA PHE A 95 -8.37 29.99 -16.50
C PHE A 95 -8.52 30.32 -15.02
N ARG A 96 -9.68 30.82 -14.62
CA ARG A 96 -9.97 31.10 -13.23
C ARG A 96 -10.00 29.85 -12.38
N PHE A 97 -10.58 28.78 -12.91
CA PHE A 97 -10.60 27.50 -12.24
C PHE A 97 -9.19 26.94 -12.05
N ILE A 98 -8.34 27.03 -13.08
CA ILE A 98 -6.97 26.57 -12.99
C ILE A 98 -6.22 27.31 -11.87
N ASP A 99 -6.40 28.63 -11.81
CA ASP A 99 -5.83 29.44 -10.75
C ASP A 99 -6.32 29.01 -9.39
N TRP A 100 -7.62 28.78 -9.26
CA TRP A 100 -8.18 28.35 -7.98
C TRP A 100 -7.63 26.99 -7.58
N LEU A 101 -7.62 26.08 -8.56
CA LEU A 101 -7.09 24.74 -8.37
C LEU A 101 -5.62 24.76 -7.96
N HIS A 102 -4.85 25.66 -8.56
CA HIS A 102 -3.46 25.87 -8.18
C HIS A 102 -3.31 26.30 -6.72
N SER A 103 -4.17 27.21 -6.26
CA SER A 103 -4.12 27.66 -4.86
C SER A 103 -4.49 26.59 -3.81
N THR A 104 -5.25 25.57 -4.19
CA THR A 104 -5.62 24.50 -3.26
C THR A 104 -4.46 23.58 -3.01
N GLY A 105 -3.51 23.55 -3.94
CA GLY A 105 -2.43 22.56 -3.96
C GLY A 105 -2.71 21.33 -4.84
N CYS A 106 -3.91 21.21 -5.41
CA CYS A 106 -4.18 20.14 -6.38
C CYS A 106 -3.34 20.32 -7.64
N SER A 107 -2.98 19.22 -8.26
CA SER A 107 -2.16 19.23 -9.45
C SER A 107 -2.75 18.40 -10.61
N VAL A 108 -4.01 18.01 -10.50
CA VAL A 108 -4.67 17.23 -11.54
C VAL A 108 -6.05 17.86 -11.78
N TRP A 109 -6.39 18.02 -13.05
CA TRP A 109 -7.75 18.40 -13.44
C TRP A 109 -8.25 17.28 -14.34
N GLN A 110 -9.33 16.62 -13.90
CA GLN A 110 -9.94 15.54 -14.68
C GLN A 110 -11.20 16.06 -15.33
N VAL A 111 -11.29 15.81 -16.63
CA VAL A 111 -12.45 16.18 -17.46
C VAL A 111 -13.10 14.88 -17.95
N LEU A 112 -14.35 15.00 -18.37
CA LEU A 112 -15.02 13.96 -19.18
C LEU A 112 -14.51 14.03 -20.63
N PRO A 113 -14.84 13.03 -21.46
CA PRO A 113 -14.46 13.11 -22.88
C PRO A 113 -14.90 14.43 -23.53
N LEU A 114 -14.07 15.02 -24.38
CA LEU A 114 -14.36 16.30 -25.02
C LEU A 114 -14.96 16.17 -26.42
N VAL A 115 -15.37 14.94 -26.76
CA VAL A 115 -16.05 14.66 -28.02
C VAL A 115 -17.42 15.36 -28.15
N PRO A 116 -17.90 15.61 -29.39
CA PRO A 116 -19.26 16.14 -29.53
C PRO A 116 -20.29 15.14 -28.99
N PRO A 117 -21.08 15.55 -27.98
CA PRO A 117 -21.91 14.59 -27.26
C PRO A 117 -23.14 14.17 -28.05
N ASP A 118 -23.88 13.18 -27.56
CA ASP A 118 -25.16 12.86 -28.19
C ASP A 118 -26.17 13.93 -27.79
N GLU A 119 -27.40 13.80 -28.26
CA GLU A 119 -28.38 14.88 -28.15
C GLU A 119 -28.91 15.11 -26.72
N GLY A 120 -28.84 14.08 -25.86
CA GLY A 120 -29.06 14.22 -24.41
C GLY A 120 -27.84 14.72 -23.61
N GLY A 121 -26.74 15.02 -24.29
CA GLY A 121 -25.54 15.58 -23.67
C GLY A 121 -24.42 14.62 -23.30
N SER A 122 -24.49 13.37 -23.76
CA SER A 122 -23.60 12.33 -23.26
C SER A 122 -22.28 12.25 -24.01
N PRO A 123 -21.16 12.39 -23.32
CA PRO A 123 -19.88 12.21 -23.99
C PRO A 123 -19.50 10.76 -24.32
N TYR A 124 -20.25 9.80 -23.78
CA TYR A 124 -19.91 8.38 -23.91
C TYR A 124 -20.63 7.66 -25.06
N ALA A 125 -21.45 8.36 -25.83
CA ALA A 125 -21.92 7.86 -27.16
C ALA A 125 -21.88 9.02 -28.15
N GLY A 126 -20.69 9.59 -28.29
CA GLY A 126 -20.47 10.76 -29.09
C GLY A 126 -20.68 10.50 -30.56
N GLN A 127 -20.84 11.62 -31.25
CA GLN A 127 -21.08 11.65 -32.66
C GLN A 127 -19.79 11.50 -33.47
N ASP A 128 -18.63 11.65 -32.79
CA ASP A 128 -17.33 11.35 -33.38
C ASP A 128 -16.36 11.00 -32.24
N ALA A 129 -15.29 10.28 -32.56
CA ALA A 129 -14.32 9.83 -31.56
C ALA A 129 -13.21 10.84 -31.29
N ASN A 130 -12.71 11.48 -32.33
CA ASN A 130 -11.54 12.37 -32.23
C ASN A 130 -11.87 13.88 -32.23
N CYS A 131 -12.97 14.29 -32.85
CA CYS A 131 -13.37 15.70 -32.86
C CYS A 131 -13.63 16.27 -31.48
N GLY A 132 -13.53 17.58 -31.38
CA GLY A 132 -13.91 18.31 -30.20
C GLY A 132 -15.32 18.86 -30.27
N ASN A 133 -15.97 18.91 -29.11
CA ASN A 133 -17.25 19.51 -28.94
C ASN A 133 -17.13 21.01 -29.20
N THR A 134 -17.52 21.43 -30.40
CA THR A 134 -17.40 22.79 -30.83
C THR A 134 -18.29 23.71 -29.98
N LEU A 135 -19.26 23.17 -29.22
CA LEU A 135 -20.03 24.06 -28.32
C LEU A 135 -19.28 24.55 -27.09
N LEU A 136 -18.13 23.93 -26.80
CA LEU A 136 -17.19 24.44 -25.80
C LEU A 136 -16.36 25.66 -26.25
N ILE A 137 -16.43 26.06 -27.52
CA ILE A 137 -15.70 27.24 -27.98
C ILE A 137 -16.22 28.54 -27.27
N SER A 138 -15.30 29.28 -26.64
CA SER A 138 -15.60 30.59 -26.07
C SER A 138 -15.75 31.63 -27.19
N LEU A 139 -16.87 32.35 -27.18
CA LEU A 139 -17.17 33.42 -28.15
C LEU A 139 -16.37 34.67 -27.81
N ASP A 140 -16.24 34.96 -26.51
CA ASP A 140 -15.43 36.09 -26.02
C ASP A 140 -13.97 35.95 -26.47
N GLU A 141 -13.47 34.72 -26.51
CA GLU A 141 -12.13 34.44 -27.06
C GLU A 141 -12.03 34.71 -28.57
N LEU A 142 -13.07 34.35 -29.32
CA LEU A 142 -13.12 34.66 -30.75
C LEU A 142 -13.15 36.19 -31.02
N VAL A 143 -13.69 36.98 -30.08
CA VAL A 143 -13.57 38.44 -30.12
C VAL A 143 -12.10 38.89 -29.97
N LYS A 144 -11.38 38.32 -29.02
CA LYS A 144 -9.94 38.60 -28.88
C LYS A 144 -9.12 38.19 -30.13
N ASP A 145 -9.52 37.10 -30.79
CA ASP A 145 -8.82 36.63 -31.98
C ASP A 145 -9.13 37.44 -33.25
N GLY A 146 -10.09 38.38 -33.20
CA GLY A 146 -10.49 39.20 -34.36
C GLY A 146 -11.62 38.64 -35.23
N LEU A 147 -12.09 37.45 -34.89
CA LEU A 147 -13.09 36.75 -35.71
C LEU A 147 -14.54 37.21 -35.42
N LEU A 148 -14.79 37.75 -34.23
CA LEU A 148 -16.06 38.40 -33.92
C LEU A 148 -15.82 39.80 -33.36
N ILE A 149 -16.85 40.64 -33.47
CA ILE A 149 -16.87 41.96 -32.86
C ILE A 149 -17.84 41.88 -31.69
N LYS A 150 -17.55 42.64 -30.62
CA LYS A 150 -18.35 42.65 -29.39
C LYS A 150 -19.87 42.81 -29.58
N ASP A 151 -20.27 43.74 -30.45
CA ASP A 151 -21.68 44.01 -30.77
C ASP A 151 -22.46 42.77 -31.21
N GLU A 152 -21.78 41.84 -31.88
CA GLU A 152 -22.38 40.61 -32.37
C GLU A 152 -22.65 39.57 -31.28
N LEU A 153 -21.89 39.60 -30.19
CA LEU A 153 -22.15 38.69 -29.07
C LEU A 153 -23.61 38.81 -28.57
N PRO A 154 -24.28 37.67 -28.38
CA PRO A 154 -25.72 37.66 -28.10
C PRO A 154 -26.08 38.08 -26.68
N GLN A 155 -27.36 38.30 -26.43
CA GLN A 155 -27.85 38.61 -25.10
C GLN A 155 -27.67 37.40 -24.20
N PRO A 156 -27.28 37.60 -22.94
CA PRO A 156 -27.18 36.50 -21.98
C PRO A 156 -28.47 35.73 -21.74
N ILE A 157 -28.33 34.46 -21.38
CA ILE A 157 -29.48 33.65 -20.97
C ILE A 157 -29.21 33.00 -19.62
N ASP A 158 -30.28 32.81 -18.85
CA ASP A 158 -30.22 32.11 -17.58
C ASP A 158 -30.35 30.65 -17.94
N ALA A 159 -29.30 29.89 -17.69
CA ALA A 159 -29.30 28.46 -17.85
C ALA A 159 -28.58 27.86 -16.65
N ASP A 160 -29.29 27.66 -15.55
CA ASP A 160 -28.68 27.08 -14.36
C ASP A 160 -28.33 25.57 -14.53
N SER A 161 -28.88 24.93 -15.57
CA SER A 161 -28.40 23.65 -16.07
C SER A 161 -28.20 23.79 -17.58
N VAL A 162 -27.38 22.96 -18.18
CA VAL A 162 -27.13 23.04 -19.62
C VAL A 162 -28.33 22.47 -20.33
N ASN A 163 -28.82 23.19 -21.33
CA ASN A 163 -29.65 22.62 -22.39
C ASN A 163 -28.85 22.66 -23.69
N TYR A 164 -28.45 21.50 -24.19
CA TYR A 164 -27.54 21.41 -25.36
C TYR A 164 -28.15 21.97 -26.65
N GLN A 165 -29.48 21.93 -26.74
CA GLN A 165 -30.19 22.46 -27.89
C GLN A 165 -30.31 23.98 -27.81
N THR A 166 -30.62 24.51 -26.62
CA THR A 166 -30.62 25.96 -26.41
C THR A 166 -29.25 26.56 -26.69
N ALA A 167 -28.21 25.88 -26.24
CA ALA A 167 -26.83 26.31 -26.46
C ALA A 167 -26.42 26.27 -27.93
N ASN A 168 -26.88 25.21 -28.60
CA ASN A 168 -26.62 25.02 -30.04
C ASN A 168 -27.26 26.15 -30.87
N LYS A 169 -28.52 26.48 -30.60
CA LYS A 169 -29.21 27.57 -31.33
C LYS A 169 -28.52 28.91 -31.14
N LEU A 170 -28.10 29.17 -29.91
CA LEU A 170 -27.51 30.46 -29.53
C LEU A 170 -26.09 30.65 -30.05
N LYS A 171 -25.27 29.60 -30.04
CA LYS A 171 -23.82 29.74 -30.28
C LYS A 171 -23.34 29.36 -31.68
N SER A 172 -24.04 28.43 -32.32
CA SER A 172 -23.59 27.93 -33.64
C SER A 172 -23.62 28.94 -34.77
N PRO A 173 -24.65 29.82 -34.82
CA PRO A 173 -24.55 30.85 -35.87
C PRO A 173 -23.28 31.69 -35.76
N LEU A 174 -22.93 32.09 -34.55
CA LEU A 174 -21.76 32.92 -34.35
C LEU A 174 -20.43 32.20 -34.58
N ILE A 175 -20.39 30.91 -34.23
CA ILE A 175 -19.19 30.08 -34.46
C ILE A 175 -18.94 29.85 -35.95
N THR A 176 -20.01 29.65 -36.71
CA THR A 176 -19.94 29.56 -38.17
C THR A 176 -19.54 30.89 -38.82
N LYS A 177 -20.11 31.99 -38.32
CA LYS A 177 -19.71 33.32 -38.77
C LYS A 177 -18.19 33.55 -38.55
N ALA A 178 -17.70 33.11 -37.39
CA ALA A 178 -16.30 33.28 -37.06
C ALA A 178 -15.40 32.42 -37.93
N ALA A 179 -15.82 31.18 -38.17
CA ALA A 179 -15.08 30.27 -39.06
C ALA A 179 -15.07 30.77 -40.51
N LYS A 180 -16.18 31.35 -40.95
CA LYS A 180 -16.24 31.98 -42.26
C LYS A 180 -15.19 33.10 -42.41
N ARG A 181 -15.12 33.98 -41.42
CA ARG A 181 -14.08 35.04 -41.41
C ARG A 181 -12.66 34.50 -41.37
N LEU A 182 -12.48 33.35 -40.73
CA LEU A 182 -11.19 32.70 -40.69
C LEU A 182 -10.78 32.15 -42.05
N ILE A 183 -11.65 31.38 -42.70
CA ILE A 183 -11.29 30.85 -44.04
C ILE A 183 -11.18 31.94 -45.13
N ASP A 184 -11.94 33.02 -45.02
CA ASP A 184 -11.77 34.19 -45.90
C ASP A 184 -10.42 34.93 -45.76
N GLY A 185 -9.84 35.00 -44.56
CA GLY A 185 -8.60 35.75 -44.33
C GLY A 185 -7.34 35.18 -44.96
N ASN A 186 -6.29 35.99 -45.02
CA ASN A 186 -4.96 35.59 -45.55
C ASN A 186 -3.82 35.79 -44.54
N GLY A 187 -4.15 36.09 -43.28
CA GLY A 187 -3.16 36.44 -42.26
C GLY A 187 -2.55 35.23 -41.59
N GLU A 188 -2.03 35.46 -40.38
CA GLU A 188 -1.28 34.45 -39.62
C GLU A 188 -2.17 33.30 -39.14
N LEU A 189 -3.42 33.62 -38.86
CA LEU A 189 -4.38 32.64 -38.36
C LEU A 189 -4.75 31.65 -39.47
N LYS A 190 -4.89 32.14 -40.70
CA LYS A 190 -5.15 31.28 -41.86
C LYS A 190 -3.98 30.31 -42.07
N SER A 191 -2.77 30.82 -41.94
CA SER A 191 -1.56 30.00 -42.05
C SER A 191 -1.49 28.88 -40.99
N LYS A 192 -1.93 29.20 -39.78
CA LYS A 192 -2.06 28.20 -38.72
C LYS A 192 -3.17 27.15 -38.99
N LEU A 193 -4.24 27.55 -39.68
CA LEU A 193 -5.27 26.61 -40.09
C LEU A 193 -4.74 25.64 -41.16
N LEU A 194 -3.98 26.15 -42.12
CA LEU A 194 -3.41 25.30 -43.16
C LEU A 194 -2.45 24.26 -42.59
N ASP A 195 -1.62 24.68 -41.65
CA ASP A 195 -0.75 23.77 -40.88
C ASP A 195 -1.51 22.65 -40.16
N PHE A 196 -2.62 23.02 -39.53
CA PHE A 196 -3.52 22.08 -38.84
C PHE A 196 -4.07 21.02 -39.77
N ARG A 197 -4.54 21.47 -40.94
CA ARG A 197 -5.20 20.60 -41.94
C ARG A 197 -4.34 19.48 -42.52
N ASN A 198 -3.12 19.86 -42.91
CA ASN A 198 -2.18 18.95 -43.58
C ASN A 198 -1.21 18.25 -42.63
N ASP A 199 -1.41 18.45 -41.33
CA ASP A 199 -0.77 17.64 -40.31
C ASP A 199 -1.23 16.18 -40.54
N PRO A 200 -0.32 15.29 -40.97
CA PRO A 200 -0.73 13.91 -41.33
C PRO A 200 -1.62 13.18 -40.31
N SER A 201 -1.40 13.42 -39.02
CA SER A 201 -2.11 12.75 -37.95
C SER A 201 -3.40 13.46 -37.53
N ILE A 202 -3.70 14.63 -38.12
CA ILE A 202 -5.03 15.25 -37.99
C ILE A 202 -5.95 14.75 -39.12
N SER A 203 -5.43 14.77 -40.35
CA SER A 203 -6.25 14.47 -41.53
C SER A 203 -6.74 13.04 -41.60
N CYS A 204 -5.98 12.09 -41.03
CA CYS A 204 -6.40 10.68 -41.01
C CYS A 204 -7.67 10.44 -40.18
N TRP A 205 -8.11 11.42 -39.38
CA TRP A 205 -9.47 11.42 -38.84
C TRP A 205 -10.34 12.61 -39.27
N LEU A 206 -9.75 13.77 -39.54
CA LEU A 206 -10.55 15.00 -39.72
C LEU A 206 -11.32 15.06 -41.03
N GLU A 207 -10.68 14.58 -42.09
CA GLU A 207 -11.29 14.53 -43.42
C GLU A 207 -12.57 13.64 -43.44
N ASP A 208 -12.47 12.42 -42.92
CA ASP A 208 -13.63 11.52 -42.87
C ASP A 208 -14.81 12.12 -42.12
N ALA A 209 -14.49 12.77 -40.99
CA ALA A 209 -15.47 13.47 -40.13
C ALA A 209 -16.16 14.69 -40.78
N ALA A 210 -15.43 15.44 -41.61
CA ALA A 210 -16.02 16.53 -42.37
C ALA A 210 -16.96 16.02 -43.48
N TYR A 211 -16.49 15.00 -44.22
CA TYR A 211 -17.26 14.38 -45.30
C TYR A 211 -18.56 13.81 -44.77
N PHE A 212 -18.46 13.15 -43.61
CA PHE A 212 -19.60 12.59 -42.92
C PHE A 212 -20.60 13.65 -42.48
N ALA A 213 -20.09 14.66 -41.79
CA ALA A 213 -20.93 15.78 -41.41
C ALA A 213 -21.58 16.47 -42.66
N ALA A 214 -20.83 16.57 -43.75
CA ALA A 214 -21.31 17.14 -45.01
C ALA A 214 -22.46 16.33 -45.62
N ILE A 215 -22.28 15.01 -45.69
CA ILE A 215 -23.31 14.12 -46.25
C ILE A 215 -24.58 14.23 -45.39
N ASP A 216 -24.41 14.21 -44.08
CA ASP A 216 -25.54 14.32 -43.14
C ASP A 216 -26.26 15.66 -43.28
N ASN A 217 -25.53 16.71 -43.64
CA ASN A 217 -26.13 18.01 -43.95
C ASN A 217 -26.96 18.04 -45.27
N THR A 218 -26.50 17.30 -46.28
CA THR A 218 -27.21 17.11 -47.53
C THR A 218 -28.50 16.28 -47.41
N LEU A 219 -28.52 15.24 -46.57
CA LEU A 219 -29.62 14.25 -46.55
C LEU A 219 -30.60 14.39 -45.39
N ASN A 220 -31.87 14.00 -45.58
CA ASN A 220 -32.91 13.95 -44.51
C ASN A 220 -32.89 12.75 -43.58
N ALA A 221 -32.20 11.68 -43.98
CA ALA A 221 -32.07 10.43 -43.20
C ALA A 221 -31.80 10.58 -41.68
N TYR A 222 -32.32 9.63 -40.91
CA TYR A 222 -32.12 9.58 -39.44
C TYR A 222 -30.68 9.18 -39.15
N SER A 223 -30.21 8.12 -39.81
CA SER A 223 -28.84 7.67 -39.73
C SER A 223 -28.27 7.34 -41.10
N TRP A 224 -26.97 6.98 -41.13
CA TRP A 224 -26.30 6.60 -42.36
C TRP A 224 -26.73 5.21 -42.89
N PHE A 225 -27.37 4.41 -42.04
CA PHE A 225 -28.00 3.17 -42.50
C PHE A 225 -28.97 3.42 -43.68
N GLU A 226 -29.72 4.52 -43.62
CA GLU A 226 -30.69 4.91 -44.65
C GLU A 226 -30.10 5.70 -45.81
N TRP A 227 -28.79 5.96 -45.82
CA TRP A 227 -28.16 6.70 -46.92
C TRP A 227 -28.15 5.84 -48.18
N PRO A 228 -28.23 6.49 -49.37
CA PRO A 228 -28.05 5.74 -50.64
C PRO A 228 -26.71 4.99 -50.73
N GLU A 229 -26.72 3.79 -51.30
CA GLU A 229 -25.55 2.91 -51.39
C GLU A 229 -24.19 3.56 -51.71
N PRO A 230 -24.15 4.49 -52.68
CA PRO A 230 -22.88 5.15 -52.99
C PRO A 230 -22.31 6.11 -51.94
N LEU A 231 -23.16 6.73 -51.13
CA LEU A 231 -22.69 7.51 -49.97
C LEU A 231 -22.46 6.59 -48.76
N LYS A 232 -23.36 5.64 -48.59
CA LYS A 232 -23.29 4.67 -47.55
C LYS A 232 -21.99 3.87 -47.60
N ASN A 233 -21.52 3.52 -48.79
CA ASN A 233 -20.29 2.74 -48.98
C ASN A 233 -19.15 3.50 -49.62
N ARG A 234 -19.27 4.82 -49.69
CA ARG A 234 -18.13 5.69 -49.86
C ARG A 234 -17.47 5.51 -51.19
N HIS A 235 -18.27 5.51 -52.23
CA HIS A 235 -17.76 5.45 -53.59
C HIS A 235 -17.05 6.73 -53.92
N LEU A 236 -15.93 6.61 -54.59
CA LEU A 236 -15.08 7.76 -54.89
C LEU A 236 -15.80 8.90 -55.56
N SER A 237 -16.51 8.61 -56.65
CA SER A 237 -17.24 9.63 -57.39
C SER A 237 -18.33 10.28 -56.55
N ALA A 238 -19.01 9.51 -55.70
CA ALA A 238 -20.00 10.07 -54.80
C ALA A 238 -19.39 11.00 -53.76
N LEU A 239 -18.23 10.64 -53.23
CA LEU A 239 -17.51 11.54 -52.33
C LEU A 239 -16.95 12.78 -53.05
N GLU A 240 -16.48 12.62 -54.28
CA GLU A 240 -16.07 13.76 -55.11
C GLU A 240 -17.19 14.78 -55.32
N ALA A 241 -18.36 14.26 -55.65
CA ALA A 241 -19.55 15.10 -55.81
C ALA A 241 -19.90 15.85 -54.53
N ILE A 242 -19.73 15.19 -53.38
CA ILE A 242 -20.03 15.84 -52.10
C ILE A 242 -19.07 16.99 -51.89
N TYR A 243 -17.80 16.78 -52.16
CA TYR A 243 -16.84 17.84 -52.01
C TYR A 243 -17.22 19.06 -52.85
N GLU A 244 -17.56 18.86 -54.12
CA GLU A 244 -17.91 19.97 -55.01
C GLU A 244 -19.15 20.76 -54.57
N SER A 245 -20.17 20.07 -54.06
CA SER A 245 -21.42 20.72 -53.65
C SER A 245 -21.43 21.18 -52.19
N GLN A 246 -20.57 20.60 -51.36
CA GLN A 246 -20.49 20.98 -49.94
C GLN A 246 -19.07 21.45 -49.51
N LYS A 247 -18.32 22.01 -50.45
CA LYS A 247 -16.95 22.52 -50.20
C LYS A 247 -16.84 23.51 -49.04
N GLU A 248 -17.81 24.42 -48.96
CA GLU A 248 -17.77 25.49 -47.98
C GLU A 248 -18.05 24.93 -46.60
N PHE A 249 -19.14 24.17 -46.48
CA PHE A 249 -19.47 23.46 -45.24
C PHE A 249 -18.27 22.68 -44.69
N ILE A 250 -17.54 22.03 -45.60
CA ILE A 250 -16.43 21.15 -45.22
C ILE A 250 -15.30 21.96 -44.66
N ASP A 251 -14.95 23.02 -45.38
CA ASP A 251 -13.93 23.93 -44.91
C ASP A 251 -14.34 24.65 -43.60
N LEU A 252 -15.64 24.91 -43.41
CA LEU A 252 -16.15 25.46 -42.15
C LEU A 252 -16.01 24.48 -40.95
N PHE A 253 -16.35 23.23 -41.18
CA PHE A 253 -16.22 22.19 -40.17
C PHE A 253 -14.77 22.01 -39.73
N ILE A 254 -13.87 21.96 -40.69
CA ILE A 254 -12.45 21.85 -40.42
C ILE A 254 -11.96 23.10 -39.64
N ALA A 255 -12.46 24.28 -40.02
CA ALA A 255 -12.13 25.52 -39.32
C ALA A 255 -12.64 25.53 -37.89
N LYS A 256 -13.84 25.02 -37.64
CA LYS A 256 -14.33 24.88 -36.27
C LYS A 256 -13.50 23.91 -35.43
N GLN A 257 -13.01 22.83 -36.02
CA GLN A 257 -12.12 21.93 -35.31
C GLN A 257 -10.78 22.58 -34.98
N PHE A 258 -10.26 23.41 -35.89
CA PHE A 258 -9.06 24.22 -35.63
C PHE A 258 -9.28 25.16 -34.45
N LEU A 259 -10.45 25.82 -34.41
CA LEU A 259 -10.77 26.75 -33.32
C LEU A 259 -10.87 26.06 -31.95
N PHE A 260 -11.50 24.90 -31.90
CA PHE A 260 -11.53 24.11 -30.70
C PHE A 260 -10.10 23.74 -30.24
N GLN A 261 -9.31 23.20 -31.18
CA GLN A 261 -7.94 22.79 -30.95
C GLN A 261 -7.12 23.92 -30.37
N ARG A 262 -7.30 25.11 -30.91
CA ARG A 262 -6.57 26.30 -30.47
C ARG A 262 -6.94 26.69 -29.05
N GLN A 263 -8.25 26.77 -28.74
CA GLN A 263 -8.69 27.15 -27.40
C GLN A 263 -8.29 26.12 -26.34
N TRP A 264 -8.39 24.83 -26.69
CA TRP A 264 -8.00 23.77 -25.80
C TRP A 264 -6.50 23.76 -25.50
N GLN A 265 -5.67 23.88 -26.52
CA GLN A 265 -4.22 23.91 -26.33
C GLN A 265 -3.77 25.11 -25.48
N LYS A 266 -4.51 26.22 -25.54
CA LYS A 266 -4.23 27.38 -24.71
C LYS A 266 -4.61 27.10 -23.24
N VAL A 267 -5.76 26.47 -23.01
CA VAL A 267 -6.15 26.02 -21.65
C VAL A 267 -5.12 25.06 -21.07
N ARG A 268 -4.65 24.12 -21.87
CA ARG A 268 -3.67 23.15 -21.44
C ARG A 268 -2.29 23.75 -21.16
N GLU A 269 -1.86 24.71 -21.98
CA GLU A 269 -0.61 25.44 -21.73
C GLU A 269 -0.67 26.26 -20.43
N TYR A 270 -1.82 26.85 -20.15
CA TYR A 270 -2.00 27.58 -18.92
C TYR A 270 -2.01 26.65 -17.70
N ALA A 271 -2.70 25.52 -17.78
CA ALA A 271 -2.60 24.48 -16.77
C ALA A 271 -1.14 24.04 -16.50
N ARG A 272 -0.38 23.76 -17.56
CA ARG A 272 1.01 23.34 -17.40
C ARG A 272 1.82 24.43 -16.69
N ARG A 273 1.58 25.69 -17.08
CA ARG A 273 2.22 26.83 -16.42
C ARG A 273 1.96 26.89 -14.91
N GLN A 274 0.74 26.55 -14.49
CA GLN A 274 0.36 26.52 -13.08
C GLN A 274 0.57 25.15 -12.42
N GLY A 275 1.30 24.25 -13.06
CA GLY A 275 1.61 22.95 -12.47
C GLY A 275 0.47 21.95 -12.35
N VAL A 276 -0.48 22.02 -13.29
CA VAL A 276 -1.69 21.21 -13.31
C VAL A 276 -1.68 20.31 -14.55
N ASP A 277 -1.79 19.01 -14.32
CA ASP A 277 -1.91 18.05 -15.40
C ASP A 277 -3.37 17.91 -15.69
N ILE A 278 -3.70 17.62 -16.94
CA ILE A 278 -5.09 17.37 -17.31
C ILE A 278 -5.28 15.91 -17.67
N MET A 279 -6.24 15.27 -17.00
CA MET A 279 -6.53 13.88 -17.23
C MET A 279 -7.79 13.84 -18.06
N GLY A 280 -7.67 13.33 -19.28
CA GLY A 280 -8.81 13.17 -20.12
C GLY A 280 -9.52 11.87 -19.83
N ASP A 281 -10.37 11.51 -20.77
CA ASP A 281 -11.25 10.35 -20.67
C ASP A 281 -11.49 9.80 -22.08
N MET A 282 -11.23 8.52 -22.23
CA MET A 282 -11.33 7.79 -23.48
C MET A 282 -12.58 6.91 -23.42
N PRO A 283 -13.69 7.38 -23.99
CA PRO A 283 -14.87 6.53 -23.95
C PRO A 283 -14.58 5.24 -24.73
N ILE A 284 -15.07 4.10 -24.26
CA ILE A 284 -14.74 2.82 -24.89
C ILE A 284 -15.46 2.69 -26.21
N TYR A 285 -16.72 3.11 -26.25
CA TYR A 285 -17.52 2.98 -27.45
C TYR A 285 -17.89 4.34 -28.03
N VAL A 286 -18.13 4.33 -29.33
CA VAL A 286 -18.56 5.51 -30.05
C VAL A 286 -19.94 5.15 -30.67
N GLY A 287 -20.74 6.16 -30.98
CA GLY A 287 -22.10 5.97 -31.49
C GLY A 287 -22.14 5.40 -32.91
N TYR A 288 -23.28 4.83 -33.25
CA TYR A 288 -23.52 4.27 -34.59
C TYR A 288 -23.43 5.33 -35.69
N HIS A 289 -24.12 6.45 -35.48
CA HIS A 289 -24.12 7.54 -36.44
C HIS A 289 -22.87 8.41 -36.23
N SER A 290 -21.75 7.95 -36.80
CA SER A 290 -20.50 8.67 -36.71
C SER A 290 -19.62 8.33 -37.90
N ALA A 291 -18.66 9.21 -38.19
CA ALA A 291 -17.66 8.92 -39.23
C ALA A 291 -16.80 7.71 -38.90
N ASP A 292 -16.57 7.46 -37.61
CA ASP A 292 -15.78 6.29 -37.20
C ASP A 292 -16.39 4.99 -37.67
N VAL A 293 -17.67 4.79 -37.39
CA VAL A 293 -18.31 3.51 -37.74
C VAL A 293 -18.44 3.43 -39.28
N TRP A 294 -18.94 4.52 -39.86
CA TRP A 294 -19.17 4.66 -41.31
C TRP A 294 -17.92 4.45 -42.16
N ALA A 295 -16.83 5.09 -41.78
CA ALA A 295 -15.59 4.95 -42.53
C ALA A 295 -14.76 3.70 -42.17
N ASN A 296 -15.20 2.89 -41.21
CA ASN A 296 -14.49 1.66 -40.84
C ASN A 296 -15.48 0.55 -40.51
N LYS A 297 -16.45 0.36 -41.41
CA LYS A 297 -17.51 -0.65 -41.24
C LYS A 297 -16.99 -2.04 -40.88
N LYS A 298 -16.02 -2.51 -41.65
CA LYS A 298 -15.44 -3.84 -41.48
C LYS A 298 -14.79 -4.08 -40.10
N HIS A 299 -14.49 -3.00 -39.37
CA HIS A 299 -13.91 -3.07 -38.03
C HIS A 299 -14.95 -3.03 -36.88
N PHE A 300 -16.24 -3.06 -37.22
CA PHE A 300 -17.33 -3.21 -36.26
C PHE A 300 -18.16 -4.47 -36.54
N LEU A 301 -19.05 -4.83 -35.63
CA LEU A 301 -19.86 -6.05 -35.78
C LEU A 301 -21.21 -5.67 -36.39
N LEU A 302 -21.22 -5.52 -37.70
CA LEU A 302 -22.40 -5.12 -38.46
C LEU A 302 -22.67 -6.19 -39.50
N ASN A 303 -23.91 -6.30 -39.95
CA ASN A 303 -24.28 -7.23 -41.05
C ASN A 303 -23.86 -6.67 -42.41
N LYS A 304 -24.19 -7.37 -43.50
CA LYS A 304 -23.84 -6.95 -44.87
C LYS A 304 -24.36 -5.57 -45.26
N LYS A 305 -25.54 -5.18 -44.77
CA LYS A 305 -26.16 -3.89 -45.10
C LYS A 305 -25.74 -2.73 -44.16
N GLY A 306 -24.88 -3.01 -43.17
CA GLY A 306 -24.40 -2.00 -42.22
C GLY A 306 -25.12 -1.89 -40.89
N PHE A 307 -26.09 -2.78 -40.63
CA PHE A 307 -26.84 -2.70 -39.36
C PHE A 307 -26.08 -3.46 -38.27
N PRO A 308 -26.11 -2.97 -37.03
CA PRO A 308 -25.37 -3.68 -35.96
C PRO A 308 -25.98 -5.05 -35.59
N LEU A 309 -25.15 -6.10 -35.58
CA LEU A 309 -25.58 -7.43 -35.14
C LEU A 309 -25.74 -7.45 -33.61
N LEU A 310 -24.73 -6.90 -32.93
CA LEU A 310 -24.73 -6.80 -31.48
C LEU A 310 -24.33 -5.38 -31.02
N VAL A 311 -24.87 -5.01 -29.84
CA VAL A 311 -24.65 -3.74 -29.19
C VAL A 311 -24.18 -3.89 -27.75
N SER A 312 -23.67 -2.78 -27.23
CA SER A 312 -23.00 -2.71 -25.96
C SER A 312 -23.94 -2.51 -24.77
N GLY A 313 -23.43 -2.88 -23.59
CA GLY A 313 -24.18 -2.79 -22.33
C GLY A 313 -23.50 -3.60 -21.24
N VAL A 314 -24.10 -3.70 -20.07
CA VAL A 314 -23.60 -4.57 -19.00
C VAL A 314 -24.76 -5.30 -18.37
N PRO A 315 -24.53 -6.53 -17.88
CA PRO A 315 -25.60 -7.31 -17.22
C PRO A 315 -26.19 -6.64 -15.98
N PRO A 316 -27.26 -7.24 -15.43
CA PRO A 316 -27.95 -6.73 -14.23
C PRO A 316 -26.99 -6.37 -13.11
N ASP A 317 -27.07 -5.13 -12.63
CA ASP A 317 -26.04 -4.55 -11.75
C ASP A 317 -26.68 -3.60 -10.71
N LEU A 318 -25.88 -2.73 -10.09
CA LEU A 318 -26.38 -1.76 -9.10
C LEU A 318 -27.40 -0.80 -9.65
N PHE A 319 -27.21 -0.36 -10.90
CA PHE A 319 -28.02 0.71 -11.50
C PHE A 319 -29.30 0.26 -12.17
N SER A 320 -29.37 -0.99 -12.62
CA SER A 320 -30.59 -1.48 -13.27
C SER A 320 -30.80 -2.98 -13.06
N GLU A 321 -32.02 -3.37 -12.68
CA GLU A 321 -32.42 -4.80 -12.56
C GLU A 321 -32.33 -5.56 -13.90
N THR A 322 -32.52 -4.86 -15.02
CA THR A 322 -32.36 -5.44 -16.36
C THR A 322 -30.97 -5.22 -17.00
N GLY A 323 -30.04 -4.61 -16.26
CA GLY A 323 -28.76 -4.21 -16.83
C GLY A 323 -28.89 -2.90 -17.57
N GLN A 324 -27.77 -2.38 -18.04
CA GLN A 324 -27.69 -1.11 -18.75
C GLN A 324 -27.45 -1.44 -20.21
N LEU A 325 -28.39 -1.07 -21.07
CA LEU A 325 -28.25 -1.26 -22.48
C LEU A 325 -27.77 0.07 -23.06
N TRP A 326 -26.49 0.16 -23.41
CA TRP A 326 -25.91 1.43 -23.90
C TRP A 326 -26.31 1.68 -25.35
N GLY A 327 -26.31 0.60 -26.16
CA GLY A 327 -26.80 0.65 -27.53
C GLY A 327 -25.76 0.85 -28.60
N SER A 328 -24.50 1.04 -28.20
CA SER A 328 -23.42 1.32 -29.15
C SER A 328 -23.11 0.10 -29.98
N PRO A 329 -22.63 0.32 -31.20
CA PRO A 329 -22.09 -0.81 -31.94
C PRO A 329 -20.82 -1.33 -31.24
N LEU A 330 -20.41 -2.53 -31.59
CA LEU A 330 -19.31 -3.22 -30.94
C LEU A 330 -18.19 -3.41 -31.95
N TYR A 331 -16.97 -3.54 -31.44
CA TYR A 331 -15.76 -3.74 -32.22
C TYR A 331 -15.61 -5.18 -32.68
N ASP A 332 -15.33 -5.35 -33.97
CA ASP A 332 -14.85 -6.60 -34.52
C ASP A 332 -13.37 -6.64 -34.25
N TRP A 333 -13.00 -7.23 -33.12
CA TRP A 333 -11.64 -7.23 -32.66
C TRP A 333 -10.66 -8.02 -33.53
N LYS A 334 -11.05 -9.16 -34.07
CA LYS A 334 -10.14 -9.95 -34.94
C LYS A 334 -9.79 -9.20 -36.26
N ALA A 335 -10.78 -8.46 -36.77
CA ALA A 335 -10.57 -7.55 -37.90
C ALA A 335 -9.62 -6.42 -37.56
N MET A 336 -9.85 -5.77 -36.43
CA MET A 336 -8.96 -4.69 -35.97
C MET A 336 -7.52 -5.10 -35.74
N GLU A 337 -7.34 -6.29 -35.16
CA GLU A 337 -6.00 -6.90 -35.00
C GLU A 337 -5.21 -6.98 -36.30
N SER A 338 -5.91 -6.95 -37.45
CA SER A 338 -5.34 -7.21 -38.75
C SER A 338 -4.73 -6.02 -39.50
N ASP A 339 -5.02 -4.79 -39.13
CA ASP A 339 -4.13 -3.67 -39.50
C ASP A 339 -3.60 -3.00 -38.24
N GLN A 340 -3.29 -3.84 -37.26
CA GLN A 340 -2.60 -3.48 -36.02
C GLN A 340 -3.38 -2.53 -35.12
N TYR A 341 -4.71 -2.64 -35.13
CA TYR A 341 -5.60 -1.79 -34.34
C TYR A 341 -5.36 -0.31 -34.66
N SER A 342 -5.06 0.00 -35.91
CA SER A 342 -4.62 1.34 -36.29
C SER A 342 -5.61 2.46 -35.91
N TRP A 343 -6.90 2.11 -35.88
CA TRP A 343 -7.92 3.05 -35.45
C TRP A 343 -7.83 3.31 -33.95
N TRP A 344 -7.59 2.28 -33.14
CA TRP A 344 -7.40 2.49 -31.70
C TRP A 344 -6.11 3.23 -31.41
N VAL A 345 -5.08 2.94 -32.18
CA VAL A 345 -3.79 3.59 -32.02
C VAL A 345 -3.86 5.07 -32.39
N ASN A 346 -4.74 5.44 -33.31
CA ASN A 346 -4.93 6.85 -33.63
C ASN A 346 -5.71 7.59 -32.54
N ARG A 347 -6.64 6.90 -31.87
CA ARG A 347 -7.38 7.48 -30.73
C ARG A 347 -6.45 7.93 -29.64
N ILE A 348 -5.55 7.02 -29.26
CA ILE A 348 -4.60 7.26 -28.19
C ILE A 348 -3.61 8.38 -28.58
N ARG A 349 -3.24 8.43 -29.85
CA ARG A 349 -2.35 9.45 -30.35
C ARG A 349 -3.01 10.81 -30.22
N ARG A 350 -4.27 10.90 -30.64
CA ARG A 350 -5.06 12.13 -30.48
C ARG A 350 -5.14 12.54 -29.02
N ALA A 351 -5.45 11.58 -28.13
CA ALA A 351 -5.51 11.85 -26.67
C ALA A 351 -4.20 12.37 -26.06
N GLN A 352 -3.06 11.89 -26.54
CA GLN A 352 -1.75 12.39 -26.13
C GLN A 352 -1.56 13.86 -26.46
N ASP A 353 -2.10 14.27 -27.59
CA ASP A 353 -2.04 15.66 -28.01
C ASP A 353 -2.98 16.58 -27.18
N LEU A 354 -4.08 16.04 -26.67
CA LEU A 354 -5.00 16.80 -25.83
C LEU A 354 -4.72 16.75 -24.32
N TYR A 355 -4.15 15.65 -23.83
CA TYR A 355 -4.02 15.43 -22.39
C TYR A 355 -2.64 14.97 -21.98
N ASP A 356 -2.39 15.10 -20.70
CA ASP A 356 -1.18 14.55 -20.08
C ASP A 356 -1.37 13.07 -19.76
N GLU A 357 -2.60 12.70 -19.39
CA GLU A 357 -2.92 11.39 -18.86
C GLU A 357 -4.33 11.06 -19.28
N CYS A 358 -4.67 9.78 -19.30
CA CYS A 358 -5.96 9.40 -19.81
C CYS A 358 -6.61 8.23 -19.08
N ARG A 359 -7.85 8.44 -18.67
CA ARG A 359 -8.71 7.41 -18.10
C ARG A 359 -9.26 6.59 -19.25
N ILE A 360 -9.15 5.27 -19.14
CA ILE A 360 -9.71 4.32 -20.12
C ILE A 360 -11.02 3.83 -19.53
N ASP A 361 -12.10 4.30 -20.13
CA ASP A 361 -13.45 3.98 -19.72
C ASP A 361 -13.76 2.49 -19.95
N HIS A 362 -14.42 1.88 -18.97
CA HIS A 362 -14.79 0.48 -19.06
C HIS A 362 -13.62 -0.36 -19.53
N PHE A 363 -12.51 -0.20 -18.82
CA PHE A 363 -11.29 -0.96 -19.10
C PHE A 363 -11.59 -2.45 -19.18
N ARG A 364 -12.43 -2.99 -18.28
CA ARG A 364 -12.75 -4.44 -18.26
C ARG A 364 -13.18 -4.98 -19.64
N GLY A 365 -13.85 -4.13 -20.43
CA GLY A 365 -14.27 -4.40 -21.79
C GLY A 365 -13.18 -4.90 -22.72
N PHE A 366 -11.92 -4.61 -22.42
CA PHE A 366 -10.81 -5.08 -23.23
C PHE A 366 -10.41 -6.49 -22.86
N ALA A 367 -10.82 -6.96 -21.68
CA ALA A 367 -10.65 -8.36 -21.35
C ALA A 367 -11.85 -9.12 -21.86
N GLY A 368 -13.04 -8.71 -21.45
CA GLY A 368 -14.28 -9.34 -21.86
C GLY A 368 -15.37 -8.29 -21.99
N PHE A 369 -16.21 -8.43 -23.03
CA PHE A 369 -17.27 -7.46 -23.27
C PHE A 369 -18.63 -8.13 -23.42
N TRP A 370 -19.67 -7.45 -22.95
CA TRP A 370 -21.03 -7.90 -22.94
C TRP A 370 -21.77 -7.53 -24.25
N ALA A 371 -22.21 -8.56 -24.98
CA ALA A 371 -22.84 -8.39 -26.29
C ALA A 371 -24.33 -8.69 -26.21
N VAL A 372 -25.17 -7.72 -26.55
CA VAL A 372 -26.63 -7.86 -26.52
C VAL A 372 -27.14 -7.87 -27.96
N PRO A 373 -28.07 -8.79 -28.30
CA PRO A 373 -28.74 -8.75 -29.63
C PRO A 373 -29.34 -7.38 -29.94
N SER A 374 -29.10 -6.89 -31.15
CA SER A 374 -29.42 -5.51 -31.54
C SER A 374 -30.88 -5.13 -31.39
N GLU A 375 -31.77 -6.10 -31.62
CA GLU A 375 -33.22 -5.90 -31.48
C GLU A 375 -33.71 -5.81 -30.02
N ALA A 376 -32.89 -6.25 -29.05
CA ALA A 376 -33.32 -6.34 -27.64
C ALA A 376 -33.71 -5.01 -27.03
N LYS A 377 -34.70 -5.06 -26.13
CA LYS A 377 -35.16 -3.88 -25.34
C LYS A 377 -34.51 -3.79 -23.94
N VAL A 378 -33.75 -4.82 -23.56
CA VAL A 378 -32.97 -4.84 -22.31
C VAL A 378 -31.63 -5.57 -22.48
N ALA A 379 -30.68 -5.22 -21.63
CA ALA A 379 -29.31 -5.79 -21.72
C ALA A 379 -29.22 -7.18 -21.09
N MET A 380 -30.19 -7.54 -20.25
CA MET A 380 -30.09 -8.76 -19.43
C MET A 380 -30.02 -10.06 -20.24
N VAL A 381 -30.55 -10.05 -21.46
CA VAL A 381 -30.34 -11.12 -22.42
C VAL A 381 -29.11 -10.74 -23.21
N GLY A 382 -28.03 -11.45 -23.01
CA GLY A 382 -26.77 -11.18 -23.69
C GLY A 382 -25.69 -12.13 -23.27
N ARG A 383 -24.48 -11.92 -23.75
CA ARG A 383 -23.38 -12.77 -23.31
C ARG A 383 -22.02 -12.07 -23.38
N TRP A 384 -21.08 -12.64 -22.62
CA TRP A 384 -19.70 -12.18 -22.54
C TRP A 384 -18.87 -12.73 -23.66
N LYS A 385 -18.09 -11.85 -24.28
CA LYS A 385 -17.20 -12.23 -25.37
C LYS A 385 -15.79 -11.80 -25.04
N VAL A 386 -14.83 -12.52 -25.62
CA VAL A 386 -13.40 -12.34 -25.34
C VAL A 386 -12.87 -11.07 -26.03
N GLY A 387 -12.27 -10.18 -25.24
CA GLY A 387 -11.67 -8.92 -25.72
C GLY A 387 -10.27 -9.15 -26.25
N PRO A 388 -9.61 -8.08 -26.73
CA PRO A 388 -8.28 -8.19 -27.36
C PRO A 388 -7.10 -8.43 -26.41
N GLY A 389 -7.28 -8.08 -25.13
CA GLY A 389 -6.24 -8.26 -24.10
C GLY A 389 -4.98 -7.46 -24.37
N LYS A 390 -3.85 -8.02 -23.95
CA LYS A 390 -2.56 -7.31 -24.05
C LYS A 390 -2.20 -6.90 -25.48
N SER A 391 -2.64 -7.69 -26.45
CA SER A 391 -2.34 -7.47 -27.88
C SER A 391 -2.64 -6.02 -28.36
N LEU A 392 -3.71 -5.44 -27.82
CA LEU A 392 -4.04 -4.05 -28.10
C LEU A 392 -2.98 -3.10 -27.52
N PHE A 393 -2.62 -3.30 -26.26
CA PHE A 393 -1.69 -2.41 -25.56
C PHE A 393 -0.24 -2.46 -26.05
N ASP A 394 0.20 -3.61 -26.57
CA ASP A 394 1.51 -3.71 -27.24
C ASP A 394 1.55 -2.89 -28.54
N ALA A 395 0.44 -2.91 -29.29
CA ALA A 395 0.33 -2.10 -30.50
C ALA A 395 0.32 -0.60 -30.19
N ILE A 396 -0.35 -0.21 -29.11
CA ILE A 396 -0.34 1.19 -28.66
C ILE A 396 1.08 1.60 -28.25
N SER A 397 1.78 0.74 -27.50
CA SER A 397 3.19 0.96 -27.17
C SER A 397 4.02 1.14 -28.43
N LYS A 398 3.95 0.13 -29.32
CA LYS A 398 4.75 0.13 -30.55
C LYS A 398 4.51 1.36 -31.43
N GLY A 399 3.28 1.90 -31.44
CA GLY A 399 2.92 3.03 -32.32
C GLY A 399 3.03 4.44 -31.74
N VAL A 400 2.71 4.57 -30.45
CA VAL A 400 2.60 5.85 -29.76
C VAL A 400 3.73 6.10 -28.77
N GLY A 401 4.28 5.02 -28.19
CA GLY A 401 5.33 5.11 -27.18
C GLY A 401 4.77 5.02 -25.76
N LYS A 402 5.45 5.66 -24.83
CA LYS A 402 5.05 5.59 -23.42
C LYS A 402 3.84 6.49 -23.19
N ILE A 403 2.79 5.93 -22.55
CA ILE A 403 1.54 6.62 -22.28
C ILE A 403 1.07 6.43 -20.82
N LYS A 404 0.48 7.51 -20.26
CA LYS A 404 -0.01 7.56 -18.89
C LYS A 404 -1.50 7.23 -18.91
N ILE A 405 -1.80 6.00 -18.51
CA ILE A 405 -3.14 5.41 -18.62
C ILE A 405 -3.66 5.10 -17.24
N ILE A 406 -4.93 5.44 -16.98
CA ILE A 406 -5.65 5.05 -15.77
C ILE A 406 -6.78 4.09 -16.16
N ALA A 407 -6.75 2.88 -15.58
CA ALA A 407 -7.74 1.84 -15.91
C ALA A 407 -8.98 2.01 -15.03
N GLU A 408 -10.10 2.38 -15.63
CA GLU A 408 -11.38 2.40 -14.94
C GLU A 408 -11.89 0.96 -14.87
N ASP A 409 -11.48 0.27 -13.82
CA ASP A 409 -11.73 -1.17 -13.69
C ASP A 409 -12.83 -1.39 -12.65
N LEU A 410 -13.98 -0.77 -12.91
CA LEU A 410 -15.13 -0.91 -12.04
C LEU A 410 -16.15 -1.82 -12.70
N GLY A 411 -16.84 -2.58 -11.86
CA GLY A 411 -17.99 -3.36 -12.27
C GLY A 411 -17.78 -4.77 -11.82
N VAL A 412 -17.99 -5.69 -12.75
CA VAL A 412 -17.74 -7.10 -12.53
C VAL A 412 -16.28 -7.31 -12.89
N ILE A 413 -15.46 -7.67 -11.90
CA ILE A 413 -14.02 -7.82 -12.13
C ILE A 413 -13.67 -9.30 -12.03
N THR A 414 -13.37 -9.88 -13.19
CA THR A 414 -12.94 -11.26 -13.30
C THR A 414 -11.42 -11.36 -13.28
N LYS A 415 -10.90 -12.58 -13.16
CA LYS A 415 -9.44 -12.87 -13.07
C LYS A 415 -8.63 -12.27 -14.24
N ASP A 416 -9.17 -12.39 -15.45
CA ASP A 416 -8.52 -11.89 -16.66
C ASP A 416 -8.43 -10.37 -16.75
N VAL A 417 -9.32 -9.65 -16.05
CA VAL A 417 -9.26 -8.16 -15.98
C VAL A 417 -8.10 -7.71 -15.08
N VAL A 418 -8.07 -8.23 -13.86
CA VAL A 418 -6.99 -7.95 -12.88
C VAL A 418 -5.62 -8.22 -13.50
N GLU A 419 -5.50 -9.33 -14.22
CA GLU A 419 -4.25 -9.71 -14.86
C GLU A 419 -3.88 -8.77 -16.02
N LEU A 420 -4.86 -8.36 -16.83
CA LEU A 420 -4.57 -7.43 -17.92
C LEU A 420 -4.08 -6.09 -17.35
N ARG A 421 -4.81 -5.56 -16.36
CA ARG A 421 -4.43 -4.29 -15.78
C ARG A 421 -2.98 -4.35 -15.30
N LYS A 422 -2.67 -5.37 -14.50
CA LYS A 422 -1.31 -5.58 -13.94
C LYS A 422 -0.24 -5.82 -15.01
N SER A 423 -0.56 -6.55 -16.08
CA SER A 423 0.42 -6.80 -17.14
C SER A 423 0.79 -5.54 -17.99
N ILE A 424 -0.01 -4.47 -17.93
CA ILE A 424 0.39 -3.19 -18.55
C ILE A 424 0.81 -2.14 -17.56
N GLY A 425 0.64 -2.41 -16.27
CA GLY A 425 1.12 -1.56 -15.20
C GLY A 425 0.24 -0.38 -14.86
N ALA A 426 -0.98 -0.35 -15.40
CA ALA A 426 -1.88 0.78 -15.22
C ALA A 426 -2.45 0.75 -13.82
N PRO A 427 -2.53 1.92 -13.14
CA PRO A 427 -3.29 1.94 -11.89
C PRO A 427 -4.76 1.70 -12.10
N GLY A 428 -5.40 1.10 -11.10
CA GLY A 428 -6.85 0.93 -11.08
C GLY A 428 -7.51 2.04 -10.30
N MET A 429 -8.77 1.83 -9.90
CA MET A 429 -9.56 2.84 -9.19
C MET A 429 -10.19 2.28 -7.92
N ALA A 430 -10.32 3.13 -6.90
CA ALA A 430 -11.19 2.89 -5.75
C ALA A 430 -12.20 4.04 -5.61
N VAL A 431 -13.47 3.69 -5.42
CA VAL A 431 -14.54 4.63 -5.18
C VAL A 431 -15.10 4.41 -3.78
N LEU A 432 -14.98 5.41 -2.90
CA LEU A 432 -15.41 5.27 -1.54
C LEU A 432 -16.90 5.07 -1.34
N GLN A 433 -17.72 5.61 -2.22
CA GLN A 433 -19.17 5.38 -2.21
C GLN A 433 -19.56 3.88 -2.33
N PHE A 434 -18.68 3.03 -2.85
CA PHE A 434 -18.91 1.57 -2.85
C PHE A 434 -18.23 0.80 -1.73
N ALA A 435 -17.75 1.49 -0.69
CA ALA A 435 -16.89 0.86 0.31
C ALA A 435 -17.61 0.10 1.43
N PHE A 436 -18.91 0.36 1.63
CA PHE A 436 -19.61 -0.03 2.86
C PHE A 436 -20.71 -1.08 2.68
N GLY A 437 -20.75 -1.70 1.51
CA GLY A 437 -21.45 -2.95 1.34
C GLY A 437 -20.46 -4.05 1.61
N GLY A 438 -20.95 -5.21 2.02
CA GLY A 438 -20.09 -6.36 2.26
C GLY A 438 -19.27 -6.18 3.53
N GLY A 439 -18.19 -6.94 3.65
CA GLY A 439 -17.35 -6.95 4.85
C GLY A 439 -16.05 -6.23 4.63
N ALA A 440 -15.09 -6.55 5.48
CA ALA A 440 -13.81 -5.83 5.55
C ALA A 440 -12.83 -6.08 4.40
N ASP A 441 -13.12 -7.04 3.53
CA ASP A 441 -12.33 -7.31 2.31
C ASP A 441 -12.74 -6.47 1.08
N ASN A 442 -13.86 -5.76 1.17
CA ASN A 442 -14.26 -4.79 0.15
C ASN A 442 -13.08 -3.91 -0.31
N PRO A 443 -12.62 -4.04 -1.58
CA PRO A 443 -11.39 -3.36 -2.05
C PRO A 443 -11.41 -1.84 -2.04
N HIS A 444 -12.61 -1.25 -1.90
CA HIS A 444 -12.76 0.19 -1.85
C HIS A 444 -12.51 0.77 -0.45
N LEU A 445 -12.46 -0.05 0.58
CA LEU A 445 -12.10 0.40 1.94
C LEU A 445 -10.63 0.83 2.02
N PRO A 446 -10.34 2.00 2.62
CA PRO A 446 -8.95 2.50 2.68
C PRO A 446 -7.88 1.46 3.08
N HIS A 447 -8.13 0.60 4.07
CA HIS A 447 -7.12 -0.41 4.41
C HIS A 447 -6.77 -1.37 3.27
N ASN A 448 -7.66 -1.50 2.27
CA ASN A 448 -7.37 -2.30 1.09
C ASN A 448 -6.85 -1.61 -0.15
N HIS A 449 -6.69 -0.28 -0.12
CA HIS A 449 -6.14 0.44 -1.29
C HIS A 449 -4.70 0.01 -1.53
N GLU A 450 -4.22 0.22 -2.77
CA GLU A 450 -2.85 -0.05 -3.20
C GLU A 450 -2.28 1.31 -3.57
N VAL A 451 -0.97 1.37 -3.78
CA VAL A 451 -0.31 2.65 -4.07
C VAL A 451 -0.57 3.05 -5.56
N ASN A 452 -0.38 2.11 -6.47
CA ASN A 452 -0.66 2.31 -7.87
C ASN A 452 -2.16 2.26 -8.15
N GLN A 453 -2.84 3.35 -7.79
CA GLN A 453 -4.31 3.41 -7.76
C GLN A 453 -4.77 4.86 -7.68
N VAL A 454 -5.97 5.11 -8.17
CA VAL A 454 -6.65 6.40 -7.96
C VAL A 454 -7.88 6.21 -7.10
N VAL A 455 -7.99 6.99 -6.04
CA VAL A 455 -9.17 6.97 -5.17
C VAL A 455 -10.07 8.17 -5.43
N TYR A 456 -11.36 7.90 -5.59
CA TYR A 456 -12.41 8.89 -5.79
C TYR A 456 -13.36 8.84 -4.62
N SER A 457 -13.92 9.99 -4.27
CA SER A 457 -15.07 10.04 -3.37
C SER A 457 -16.20 9.43 -4.19
N GLY A 458 -16.44 10.03 -5.36
CA GLY A 458 -17.26 9.40 -6.37
C GLY A 458 -16.90 9.83 -7.78
N THR A 459 -17.39 9.04 -8.74
CA THR A 459 -17.34 9.40 -10.14
C THR A 459 -18.57 10.22 -10.55
N HIS A 460 -18.52 10.68 -11.79
CA HIS A 460 -19.65 11.29 -12.48
C HIS A 460 -20.88 10.36 -12.58
N ASP A 461 -20.68 9.05 -12.48
CA ASP A 461 -21.80 8.06 -12.42
C ASP A 461 -22.48 7.91 -11.05
N ASN A 462 -21.85 8.39 -9.98
CA ASN A 462 -22.41 8.26 -8.64
C ASN A 462 -23.14 9.52 -8.30
N ASP A 463 -23.95 9.45 -7.24
CA ASP A 463 -24.53 10.64 -6.63
C ASP A 463 -23.42 11.45 -6.00
N THR A 464 -23.73 12.67 -5.57
CA THR A 464 -22.79 13.44 -4.76
C THR A 464 -22.72 12.74 -3.41
N ILE A 465 -21.79 13.16 -2.55
CA ILE A 465 -21.62 12.55 -1.24
C ILE A 465 -22.83 12.83 -0.39
N ARG A 466 -23.23 14.09 -0.35
CA ARG A 466 -24.41 14.52 0.37
C ARG A 466 -25.64 13.71 -0.03
N GLY A 467 -25.91 13.63 -1.33
CA GLY A 467 -27.05 12.87 -1.84
C GLY A 467 -26.98 11.37 -1.57
N TRP A 468 -25.77 10.82 -1.69
CA TRP A 468 -25.47 9.45 -1.34
C TRP A 468 -25.71 9.12 0.13
N TRP A 469 -25.27 10.01 1.00
CA TRP A 469 -25.48 9.89 2.45
C TRP A 469 -26.96 10.01 2.86
N ASP A 470 -27.70 10.82 2.10
CA ASP A 470 -29.13 11.09 2.31
C ASP A 470 -29.99 9.87 1.99
N THR A 471 -29.61 9.09 0.97
CA THR A 471 -30.34 7.87 0.57
C THR A 471 -29.83 6.59 1.21
N LEU A 472 -28.82 6.67 2.06
CA LEU A 472 -28.03 5.51 2.43
C LEU A 472 -28.81 4.60 3.36
N ASP A 473 -28.74 3.29 3.11
CA ASP A 473 -29.37 2.28 3.97
C ASP A 473 -28.70 2.30 5.33
N GLN A 474 -29.48 1.99 6.37
CA GLN A 474 -29.07 2.20 7.77
C GLN A 474 -27.91 1.31 8.23
N GLU A 475 -27.86 0.07 7.75
CA GLU A 475 -26.71 -0.82 7.99
C GLU A 475 -25.41 -0.27 7.35
N GLU A 476 -25.52 0.20 6.10
CA GLU A 476 -24.41 0.86 5.40
C GLU A 476 -23.98 2.16 6.10
N LYS A 477 -24.93 2.90 6.68
CA LYS A 477 -24.63 4.19 7.32
C LYS A 477 -23.84 4.08 8.63
N SER A 478 -24.23 3.15 9.50
CA SER A 478 -23.53 2.97 10.79
C SER A 478 -22.18 2.26 10.61
N LYS A 479 -22.07 1.47 9.55
CA LYS A 479 -20.80 0.89 9.10
C LYS A 479 -19.84 2.00 8.70
N ALA A 480 -20.31 2.93 7.89
CA ALA A 480 -19.55 4.09 7.45
C ALA A 480 -19.12 5.00 8.60
N MET A 481 -19.98 5.17 9.60
CA MET A 481 -19.66 6.01 10.77
C MET A 481 -18.49 5.48 11.60
N LYS A 482 -18.38 4.16 11.71
CA LYS A 482 -17.23 3.52 12.32
C LYS A 482 -15.90 3.72 11.60
N TYR A 483 -15.91 3.91 10.26
CA TYR A 483 -14.67 4.07 9.46
C TYR A 483 -14.26 5.52 9.29
N LEU A 484 -15.23 6.42 9.25
CA LEU A 484 -15.01 7.79 8.82
C LEU A 484 -14.98 8.65 10.03
N SER A 485 -14.39 9.82 9.88
CA SER A 485 -14.37 10.84 10.92
C SER A 485 -15.39 11.94 10.60
N ILE A 486 -16.51 11.91 11.32
CA ILE A 486 -17.64 12.81 11.05
C ILE A 486 -17.90 13.78 12.20
N ALA A 487 -17.85 15.07 11.87
CA ALA A 487 -18.29 16.16 12.73
C ALA A 487 -19.79 16.28 12.44
N GLY A 488 -20.26 17.36 11.80
CA GLY A 488 -21.66 17.46 11.40
C GLY A 488 -21.95 16.70 10.11
N GLU A 489 -23.20 16.24 9.94
CA GLU A 489 -23.58 15.50 8.72
C GLU A 489 -23.62 16.40 7.50
N ASP A 490 -23.98 17.67 7.70
CA ASP A 490 -23.78 18.68 6.65
C ASP A 490 -22.43 18.57 5.93
N ASP A 491 -21.36 18.40 6.70
CA ASP A 491 -20.00 18.30 6.17
C ASP A 491 -19.52 16.87 5.99
N ILE A 492 -20.45 15.92 5.77
CA ILE A 492 -20.09 14.56 5.38
C ILE A 492 -19.17 14.52 4.14
N SER A 493 -19.38 15.45 3.20
CA SER A 493 -18.46 15.65 2.07
C SER A 493 -16.99 15.73 2.50
N TRP A 494 -16.71 16.57 3.49
CA TRP A 494 -15.33 16.78 3.97
C TRP A 494 -14.75 15.58 4.68
N SER A 495 -15.60 14.83 5.39
CA SER A 495 -15.19 13.54 5.97
C SER A 495 -14.79 12.50 4.92
N VAL A 496 -15.55 12.39 3.84
CA VAL A 496 -15.20 11.45 2.77
C VAL A 496 -13.96 11.96 2.01
N ILE A 497 -13.89 13.26 1.73
CA ILE A 497 -12.69 13.87 1.12
C ILE A 497 -11.44 13.59 1.95
N GLN A 498 -11.59 13.70 3.27
CA GLN A 498 -10.52 13.34 4.23
C GLN A 498 -10.09 11.89 4.11
N ALA A 499 -11.05 10.98 4.03
CA ALA A 499 -10.76 9.56 3.90
C ALA A 499 -10.09 9.26 2.56
N ALA A 500 -10.48 9.95 1.50
CA ALA A 500 -9.80 9.81 0.22
C ALA A 500 -8.34 10.30 0.28
N PHE A 501 -8.10 11.46 0.88
CA PHE A 501 -6.73 11.98 0.92
C PHE A 501 -5.78 11.17 1.83
N SER A 502 -6.32 10.59 2.92
CA SER A 502 -5.51 9.79 3.84
C SER A 502 -5.06 8.45 3.25
N SER A 503 -5.58 8.11 2.06
CA SER A 503 -5.28 6.84 1.40
C SER A 503 -3.83 6.77 0.97
N THR A 504 -3.31 5.53 0.92
CA THR A 504 -2.04 5.19 0.31
C THR A 504 -2.04 5.30 -1.23
N ALA A 505 -3.21 5.38 -1.83
CA ALA A 505 -3.32 5.57 -3.29
C ALA A 505 -2.61 6.85 -3.73
N GLN A 506 -1.83 6.75 -4.79
CA GLN A 506 -1.01 7.85 -5.24
C GLN A 506 -1.81 9.11 -5.67
N THR A 507 -3.01 8.91 -6.20
CA THR A 507 -3.83 10.03 -6.68
C THR A 507 -5.21 9.97 -6.06
N ALA A 508 -5.69 11.14 -5.62
CA ALA A 508 -7.01 11.30 -5.03
C ALA A 508 -7.77 12.35 -5.84
N ILE A 509 -8.92 11.97 -6.41
CA ILE A 509 -9.73 12.88 -7.25
C ILE A 509 -11.09 13.11 -6.60
N ILE A 510 -11.51 14.37 -6.54
CA ILE A 510 -12.79 14.74 -5.96
C ILE A 510 -13.62 15.52 -7.01
N PRO A 511 -14.90 15.16 -7.21
CA PRO A 511 -15.82 16.02 -7.98
C PRO A 511 -16.03 17.37 -7.37
N MET A 512 -16.03 18.42 -8.21
CA MET A 512 -16.32 19.79 -7.76
C MET A 512 -17.61 19.90 -6.94
N GLN A 513 -18.62 19.06 -7.23
CA GLN A 513 -19.87 19.06 -6.44
C GLN A 513 -19.66 18.80 -4.97
N ASP A 514 -18.72 17.92 -4.65
CA ASP A 514 -18.43 17.57 -3.25
C ASP A 514 -17.56 18.61 -2.51
N ILE A 515 -16.66 19.27 -3.23
CA ILE A 515 -15.97 20.43 -2.68
C ILE A 515 -16.96 21.55 -2.32
N LEU A 516 -18.05 21.66 -3.09
CA LEU A 516 -19.10 22.63 -2.79
C LEU A 516 -20.18 22.13 -1.85
N GLY A 517 -20.14 20.85 -1.47
CA GLY A 517 -21.15 20.25 -0.55
C GLY A 517 -22.58 20.27 -1.07
N LEU A 518 -22.74 19.96 -2.36
CA LEU A 518 -24.04 19.98 -3.03
C LEU A 518 -24.78 18.64 -2.91
N GLY A 519 -26.13 18.74 -2.96
CA GLY A 519 -27.04 17.59 -2.90
C GLY A 519 -27.24 16.91 -4.24
N SER A 520 -28.11 15.90 -4.25
CA SER A 520 -28.44 15.09 -5.44
C SER A 520 -28.91 15.85 -6.68
N SER A 521 -29.48 17.02 -6.52
CA SER A 521 -29.82 17.80 -7.70
C SER A 521 -28.55 18.11 -8.53
N ALA A 522 -27.37 18.14 -7.90
CA ALA A 522 -26.11 18.35 -8.63
C ALA A 522 -25.47 17.09 -9.21
N ARG A 523 -26.14 15.95 -9.14
CA ARG A 523 -25.60 14.75 -9.76
C ARG A 523 -25.42 14.97 -11.26
N MET A 524 -24.25 14.61 -11.78
CA MET A 524 -23.95 14.73 -13.20
C MET A 524 -24.68 13.69 -14.05
N ASN A 525 -24.52 12.41 -13.72
CA ASN A 525 -25.19 11.35 -14.45
C ASN A 525 -25.76 10.27 -13.55
N THR A 526 -26.95 9.79 -13.91
CA THR A 526 -27.49 8.51 -13.39
C THR A 526 -27.46 7.48 -14.52
N PRO A 527 -26.65 6.40 -14.39
CA PRO A 527 -26.62 5.36 -15.38
C PRO A 527 -27.96 4.64 -15.50
N ALA A 528 -28.28 4.23 -16.74
CA ALA A 528 -29.54 3.57 -17.10
C ALA A 528 -30.72 4.53 -17.00
N THR A 529 -30.48 5.78 -17.39
CA THR A 529 -31.52 6.79 -17.55
C THR A 529 -31.16 7.61 -18.79
N GLU A 530 -32.17 8.19 -19.42
CA GLU A 530 -32.01 8.88 -20.69
C GLU A 530 -32.20 10.40 -20.60
N VAL A 531 -32.88 10.89 -19.56
CA VAL A 531 -33.20 12.33 -19.45
C VAL A 531 -32.60 12.88 -18.17
N GLY A 532 -32.12 14.12 -18.26
CA GLY A 532 -31.70 14.90 -17.08
C GLY A 532 -30.27 14.69 -16.61
N ASN A 533 -29.39 14.31 -17.54
CA ASN A 533 -27.97 14.09 -17.27
C ASN A 533 -27.06 15.10 -18.00
N TRP A 534 -25.84 15.18 -17.52
CA TRP A 534 -24.75 15.93 -18.17
C TRP A 534 -25.00 17.44 -18.19
N GLY A 535 -25.93 17.87 -17.34
CA GLY A 535 -26.43 19.23 -17.32
C GLY A 535 -25.96 20.12 -16.17
N TRP A 536 -25.32 19.55 -15.14
CA TRP A 536 -24.93 20.31 -13.95
C TRP A 536 -23.95 21.44 -14.27
N ARG A 537 -24.21 22.60 -13.71
CA ARG A 537 -23.31 23.73 -13.81
C ARG A 537 -23.07 24.36 -12.45
N ILE A 538 -21.90 24.98 -12.31
CA ILE A 538 -21.59 25.71 -11.09
C ILE A 538 -22.67 26.77 -11.00
N PRO A 539 -23.31 26.92 -9.82
CA PRO A 539 -24.26 28.01 -9.57
C PRO A 539 -23.71 29.35 -10.00
N SER A 540 -24.52 30.13 -10.69
CA SER A 540 -24.07 31.38 -11.29
C SER A 540 -23.53 32.41 -10.27
N SER A 541 -23.95 32.29 -9.00
CA SER A 541 -23.45 33.15 -7.91
C SER A 541 -22.16 32.69 -7.18
N THR A 542 -21.66 31.48 -7.44
CA THR A 542 -20.37 30.99 -6.88
C THR A 542 -19.28 31.32 -7.89
N SER A 543 -18.28 32.08 -7.47
CA SER A 543 -17.14 32.37 -8.34
C SER A 543 -15.87 31.79 -7.69
N PHE A 544 -14.83 31.63 -8.48
CA PHE A 544 -13.56 31.12 -7.96
C PHE A 544 -12.78 32.09 -7.03
N ASP A 545 -13.20 33.35 -7.00
CA ASP A 545 -12.75 34.32 -5.99
C ASP A 545 -13.48 34.25 -4.65
N ASN A 546 -14.59 33.54 -4.55
CA ASN A 546 -15.24 33.37 -3.25
C ASN A 546 -15.17 31.94 -2.67
N LEU A 547 -14.11 31.23 -2.99
CA LEU A 547 -13.89 29.89 -2.46
C LEU A 547 -12.57 29.78 -1.74
N GLU A 548 -12.21 30.80 -0.98
CA GLU A 548 -10.97 30.83 -0.21
C GLU A 548 -11.00 29.80 0.94
N THR A 549 -12.11 29.74 1.68
CA THR A 549 -12.28 28.80 2.77
C THR A 549 -12.14 27.36 2.30
N GLU A 550 -12.76 27.04 1.15
CA GLU A 550 -12.67 25.71 0.56
C GLU A 550 -11.25 25.43 0.16
N SER A 551 -10.65 26.38 -0.55
CA SER A 551 -9.26 26.28 -0.92
C SER A 551 -8.34 25.95 0.30
N ASP A 552 -8.45 26.73 1.38
CA ASP A 552 -7.61 26.56 2.60
C ASP A 552 -7.83 25.22 3.24
N ARG A 553 -9.10 24.87 3.40
CA ARG A 553 -9.45 23.62 4.04
C ARG A 553 -8.88 22.41 3.29
N LEU A 554 -8.95 22.47 1.96
CA LEU A 554 -8.29 21.49 1.10
C LEU A 554 -6.78 21.50 1.24
N ARG A 555 -6.19 22.68 1.17
CA ARG A 555 -4.75 22.80 1.27
C ARG A 555 -4.25 22.17 2.59
N ASP A 556 -4.91 22.47 3.69
CA ASP A 556 -4.67 21.81 4.97
C ASP A 556 -4.67 20.30 4.89
N LEU A 557 -5.66 19.71 4.21
CA LEU A 557 -5.74 18.26 4.07
C LEU A 557 -4.62 17.66 3.22
N LEU A 558 -4.27 18.31 2.11
CA LEU A 558 -3.19 17.81 1.25
C LEU A 558 -1.86 17.86 1.98
N SER A 559 -1.64 18.93 2.72
CA SER A 559 -0.45 19.10 3.55
C SER A 559 -0.34 17.96 4.56
N LEU A 560 -1.40 17.77 5.31
CA LEU A 560 -1.51 16.71 6.32
C LEU A 560 -1.24 15.32 5.75
N TYR A 561 -1.72 15.03 4.54
CA TYR A 561 -1.54 13.70 3.96
C TYR A 561 -0.44 13.60 2.90
N GLY A 562 0.43 14.61 2.87
CA GLY A 562 1.57 14.63 1.96
C GLY A 562 1.23 14.63 0.47
N ARG A 563 0.14 15.28 0.09
CA ARG A 563 -0.26 15.39 -1.31
C ARG A 563 0.04 16.74 -1.97
N LEU A 564 0.66 17.69 -1.26
CA LEU A 564 1.10 18.96 -1.87
C LEU A 564 2.28 18.74 -2.78
N ILE B 47 -9.69 -19.52 -25.52
CA ILE B 47 -10.78 -19.02 -26.42
C ILE B 47 -10.29 -17.83 -27.25
N SER B 48 -10.48 -17.91 -28.57
CA SER B 48 -9.98 -16.90 -29.51
C SER B 48 -10.74 -15.57 -29.40
N VAL B 49 -10.08 -14.46 -29.77
CA VAL B 49 -10.63 -13.10 -29.60
C VAL B 49 -11.96 -12.99 -30.34
N GLY B 50 -12.98 -12.48 -29.64
CA GLY B 50 -14.32 -12.29 -30.22
C GLY B 50 -15.34 -13.36 -29.86
N GLU B 51 -14.86 -14.56 -29.49
CA GLU B 51 -15.73 -15.71 -29.24
C GLU B 51 -16.41 -15.59 -27.90
N ASP B 52 -17.39 -16.46 -27.66
CA ASP B 52 -18.15 -16.45 -26.40
C ASP B 52 -17.34 -17.08 -25.27
N PHE B 53 -17.52 -16.51 -24.08
CA PHE B 53 -16.99 -17.11 -22.87
C PHE B 53 -18.00 -18.19 -22.42
N PRO B 54 -17.56 -19.18 -21.57
CA PRO B 54 -18.50 -20.10 -20.91
C PRO B 54 -19.44 -19.38 -19.95
N SER B 55 -20.53 -20.06 -19.59
CA SER B 55 -21.62 -19.44 -18.83
C SER B 55 -21.26 -19.08 -17.38
N GLU B 56 -20.13 -19.58 -16.88
CA GLU B 56 -19.64 -19.24 -15.55
C GLU B 56 -18.49 -18.21 -15.60
N TYR B 57 -18.57 -17.24 -16.52
CA TYR B 57 -17.54 -16.19 -16.62
C TYR B 57 -17.64 -15.19 -15.48
N GLU B 58 -18.86 -14.73 -15.19
CA GLU B 58 -19.11 -13.80 -14.06
C GLU B 58 -18.59 -14.27 -12.69
N GLN B 59 -18.46 -15.58 -12.51
CA GLN B 59 -18.01 -16.18 -11.25
C GLN B 59 -16.54 -16.63 -11.28
N TRP B 60 -15.81 -16.28 -12.34
CA TRP B 60 -14.37 -16.48 -12.42
C TRP B 60 -13.67 -15.30 -11.72
N LEU B 61 -13.95 -15.15 -10.42
CA LEU B 61 -13.51 -14.01 -9.62
C LEU B 61 -12.15 -14.28 -8.98
N PRO B 62 -11.35 -13.21 -8.77
CA PRO B 62 -9.98 -13.43 -8.31
C PRO B 62 -9.95 -13.88 -6.85
N VAL B 63 -9.09 -14.84 -6.53
CA VAL B 63 -9.04 -15.44 -5.19
C VAL B 63 -7.89 -14.82 -4.36
N PRO B 64 -8.18 -14.36 -3.13
CA PRO B 64 -7.13 -13.73 -2.30
C PRO B 64 -5.99 -14.67 -1.92
N ASP B 65 -4.74 -14.28 -2.19
CA ASP B 65 -3.55 -15.07 -1.84
C ASP B 65 -3.52 -15.27 -0.33
N PRO B 66 -3.41 -16.54 0.14
CA PRO B 66 -3.25 -16.80 1.60
C PRO B 66 -1.98 -16.22 2.23
N GLU B 67 -0.95 -16.02 1.43
CA GLU B 67 0.28 -15.39 1.91
C GLU B 67 0.11 -13.87 2.09
N SER B 68 -0.89 -13.27 1.44
CA SER B 68 -1.26 -11.85 1.65
C SER B 68 -2.22 -11.60 2.82
N ARG B 69 -2.53 -12.62 3.63
CA ARG B 69 -3.56 -12.47 4.68
C ARG B 69 -3.17 -11.42 5.73
N ARG B 70 -4.07 -10.48 5.99
CA ARG B 70 -3.88 -9.46 7.02
C ARG B 70 -4.07 -10.08 8.39
N ARG B 71 -3.30 -9.64 9.36
CA ARG B 71 -3.36 -10.24 10.69
C ARG B 71 -2.81 -9.32 11.76
N ALA B 72 -3.05 -9.69 13.01
CA ALA B 72 -2.61 -8.90 14.15
C ALA B 72 -1.94 -9.80 15.18
N GLY B 73 -1.19 -9.14 16.08
CA GLY B 73 -0.42 -9.84 17.10
C GLY B 73 -0.07 -9.05 18.36
N VAL B 74 0.41 -9.79 19.33
CA VAL B 74 0.77 -9.24 20.63
C VAL B 74 2.21 -9.59 20.91
N LEU B 75 2.93 -8.57 21.40
CA LEU B 75 4.33 -8.67 21.84
C LEU B 75 4.31 -8.90 23.34
N LEU B 76 4.82 -10.03 23.79
CA LEU B 76 4.82 -10.37 25.21
C LEU B 76 5.88 -11.41 25.47
N HIS B 77 6.92 -11.04 26.22
CA HIS B 77 8.00 -11.97 26.54
C HIS B 77 7.56 -12.89 27.70
N PRO B 78 7.92 -14.21 27.63
CA PRO B 78 7.44 -15.14 28.70
C PRO B 78 7.88 -14.86 30.15
N THR B 79 8.97 -14.13 30.36
CA THR B 79 9.35 -13.67 31.72
C THR B 79 8.30 -12.76 32.39
N SER B 80 7.45 -12.10 31.59
CA SER B 80 6.38 -11.20 32.09
C SER B 80 5.11 -11.87 32.62
N PHE B 81 4.97 -13.16 32.40
CA PHE B 81 3.83 -13.92 32.95
C PHE B 81 3.87 -13.89 34.47
N ARG B 82 2.70 -13.92 35.10
CA ARG B 82 2.63 -14.02 36.55
C ARG B 82 3.02 -15.42 36.97
N GLY B 83 3.13 -15.60 38.28
CA GLY B 83 3.41 -16.89 38.86
C GLY B 83 4.15 -16.68 40.16
N PRO B 84 4.20 -17.72 41.00
CA PRO B 84 4.80 -17.62 42.33
C PRO B 84 6.34 -17.76 42.41
N HIS B 85 7.05 -17.99 41.31
CA HIS B 85 8.49 -18.30 41.33
C HIS B 85 9.42 -17.14 40.90
N GLY B 86 8.98 -15.89 41.08
CA GLY B 86 9.82 -14.74 40.79
C GLY B 86 9.96 -14.33 39.31
N ILE B 87 9.44 -15.16 38.42
CA ILE B 87 9.62 -14.99 36.98
C ILE B 87 8.56 -15.83 36.25
N GLY B 88 8.21 -15.40 35.04
CA GLY B 88 7.29 -16.14 34.22
C GLY B 88 7.96 -17.35 33.61
N ASP B 89 7.16 -18.36 33.25
CA ASP B 89 7.67 -19.60 32.72
C ASP B 89 6.80 -20.18 31.60
N LEU B 90 7.25 -21.30 31.03
CA LEU B 90 6.56 -21.95 29.90
C LEU B 90 5.49 -22.95 30.37
N GLY B 91 4.86 -22.68 31.51
CA GLY B 91 3.81 -23.52 32.06
C GLY B 91 2.41 -22.99 31.75
N GLU B 92 1.51 -23.04 32.73
CA GLU B 92 0.07 -22.75 32.56
C GLU B 92 -0.24 -21.36 31.99
N GLU B 93 0.43 -20.35 32.53
CA GLU B 93 0.24 -18.97 32.08
C GLU B 93 0.51 -18.78 30.58
N ALA B 94 1.53 -19.43 30.04
CA ALA B 94 1.75 -19.48 28.57
C ALA B 94 0.53 -20.01 27.75
N PHE B 95 -0.12 -21.08 28.24
CA PHE B 95 -1.24 -21.70 27.55
C PHE B 95 -2.49 -20.86 27.70
N ARG B 96 -2.70 -20.26 28.88
CA ARG B 96 -3.82 -19.34 29.09
C ARG B 96 -3.72 -18.10 28.20
N PHE B 97 -2.51 -17.56 28.02
CA PHE B 97 -2.30 -16.42 27.17
C PHE B 97 -2.60 -16.76 25.70
N ILE B 98 -2.18 -17.93 25.24
CA ILE B 98 -2.49 -18.40 23.88
C ILE B 98 -4.00 -18.48 23.67
N ASP B 99 -4.70 -19.01 24.66
CA ASP B 99 -6.16 -19.08 24.61
C ASP B 99 -6.79 -17.71 24.55
N TRP B 100 -6.31 -16.79 25.39
CA TRP B 100 -6.82 -15.43 25.39
C TRP B 100 -6.55 -14.75 24.04
N LEU B 101 -5.33 -14.94 23.56
CA LEU B 101 -4.91 -14.40 22.28
C LEU B 101 -5.74 -14.95 21.14
N HIS B 102 -6.07 -16.23 21.21
CA HIS B 102 -6.95 -16.85 20.24
C HIS B 102 -8.33 -16.20 20.23
N SER B 103 -8.89 -15.92 21.41
CA SER B 103 -10.20 -15.27 21.51
C SER B 103 -10.26 -13.82 20.99
N THR B 104 -9.12 -13.12 20.94
CA THR B 104 -9.09 -11.75 20.44
C THR B 104 -9.17 -11.73 18.92
N GLY B 105 -8.79 -12.85 18.28
CA GLY B 105 -8.63 -12.95 16.85
C GLY B 105 -7.19 -12.75 16.37
N CYS B 106 -6.27 -12.40 17.27
CA CYS B 106 -4.87 -12.28 16.88
C CYS B 106 -4.32 -13.66 16.51
N SER B 107 -3.37 -13.66 15.59
CA SER B 107 -2.77 -14.88 15.13
C SER B 107 -1.24 -14.86 15.17
N VAL B 108 -0.64 -13.88 15.85
CA VAL B 108 0.81 -13.78 16.01
C VAL B 108 1.14 -13.51 17.46
N TRP B 109 2.14 -14.21 17.98
CA TRP B 109 2.70 -13.93 19.30
C TRP B 109 4.16 -13.66 19.12
N GLN B 110 4.59 -12.46 19.46
CA GLN B 110 5.98 -12.05 19.30
C GLN B 110 6.62 -12.07 20.68
N VAL B 111 7.79 -12.73 20.75
CA VAL B 111 8.62 -12.80 21.95
C VAL B 111 9.94 -12.09 21.67
N LEU B 112 10.63 -11.76 22.73
CA LEU B 112 12.05 -11.37 22.66
C LEU B 112 12.92 -12.62 22.48
N PRO B 113 14.23 -12.46 22.25
CA PRO B 113 15.11 -13.62 22.17
C PRO B 113 15.01 -14.49 23.42
N LEU B 114 15.04 -15.81 23.27
CA LEU B 114 14.91 -16.73 24.38
C LEU B 114 16.25 -17.24 24.94
N VAL B 115 17.34 -16.61 24.51
CA VAL B 115 18.68 -16.89 25.01
C VAL B 115 18.88 -16.57 26.50
N PRO B 116 19.84 -17.23 27.16
CA PRO B 116 20.11 -16.90 28.56
C PRO B 116 20.62 -15.45 28.64
N PRO B 117 19.91 -14.59 29.38
CA PRO B 117 20.19 -13.16 29.32
C PRO B 117 21.47 -12.78 30.07
N ASP B 118 21.91 -11.54 29.93
CA ASP B 118 23.00 -11.08 30.76
C ASP B 118 22.46 -10.80 32.17
N GLU B 119 23.34 -10.34 33.06
CA GLU B 119 23.02 -10.28 34.50
C GLU B 119 22.02 -9.18 34.90
N GLY B 120 21.89 -8.13 34.07
CA GLY B 120 20.78 -7.19 34.14
C GLY B 120 19.48 -7.63 33.45
N GLY B 121 19.43 -8.84 32.90
CA GLY B 121 18.23 -9.40 32.27
C GLY B 121 18.08 -9.28 30.76
N SER B 122 19.14 -8.88 30.06
CA SER B 122 19.03 -8.47 28.64
C SER B 122 19.18 -9.63 27.67
N PRO B 123 18.19 -9.85 26.83
CA PRO B 123 18.37 -10.90 25.82
C PRO B 123 19.29 -10.56 24.66
N TYR B 124 19.69 -9.28 24.53
CA TYR B 124 20.44 -8.81 23.40
C TYR B 124 21.96 -8.78 23.61
N ALA B 125 22.45 -9.19 24.77
CA ALA B 125 23.88 -9.53 24.95
C ALA B 125 23.96 -10.81 25.78
N GLY B 126 23.34 -11.86 25.27
CA GLY B 126 23.22 -13.09 25.97
C GLY B 126 24.55 -13.81 26.13
N GLN B 127 24.50 -14.76 27.05
CA GLN B 127 25.63 -15.58 27.44
C GLN B 127 25.85 -16.73 26.46
N ASP B 128 24.86 -17.00 25.61
CA ASP B 128 25.00 -17.92 24.48
C ASP B 128 24.00 -17.53 23.39
N ALA B 129 24.27 -17.94 22.16
CA ALA B 129 23.43 -17.59 21.00
C ALA B 129 22.27 -18.55 20.77
N ASN B 130 22.52 -19.85 20.93
CA ASN B 130 21.53 -20.88 20.60
C ASN B 130 20.80 -21.48 21.81
N CYS B 131 21.43 -21.50 22.99
CA CYS B 131 20.78 -22.03 24.19
C CYS B 131 19.54 -21.29 24.60
N GLY B 132 18.70 -21.98 25.37
CA GLY B 132 17.54 -21.40 25.99
C GLY B 132 17.77 -20.99 27.41
N ASN B 133 17.09 -19.92 27.79
CA ASN B 133 17.08 -19.43 29.14
C ASN B 133 16.38 -20.48 29.99
N THR B 134 17.17 -21.27 30.70
CA THR B 134 16.66 -22.32 31.57
C THR B 134 15.79 -21.79 32.74
N LEU B 135 15.86 -20.49 33.05
CA LEU B 135 14.97 -19.95 34.10
C LEU B 135 13.53 -19.79 33.66
N LEU B 136 13.26 -19.89 32.35
CA LEU B 136 11.91 -20.04 31.82
C LEU B 136 11.27 -21.42 32.00
N ILE B 137 12.02 -22.42 32.46
CA ILE B 137 11.43 -23.76 32.72
C ILE B 137 10.34 -23.70 33.83
N SER B 138 9.14 -24.19 33.51
CA SER B 138 8.06 -24.35 34.50
C SER B 138 8.34 -25.55 35.38
N LEU B 139 8.29 -25.33 36.69
CA LEU B 139 8.50 -26.38 37.70
C LEU B 139 7.24 -27.29 37.81
N ASP B 140 6.07 -26.67 37.74
CA ASP B 140 4.78 -27.37 37.72
C ASP B 140 4.71 -28.37 36.56
N GLU B 141 5.29 -28.00 35.42
CA GLU B 141 5.41 -28.92 34.27
C GLU B 141 6.34 -30.10 34.53
N LEU B 142 7.45 -29.83 35.19
CA LEU B 142 8.34 -30.92 35.62
C LEU B 142 7.64 -31.91 36.58
N VAL B 143 6.66 -31.44 37.36
CA VAL B 143 5.82 -32.32 38.18
C VAL B 143 4.96 -33.23 37.29
N LYS B 144 4.36 -32.67 36.25
CA LYS B 144 3.59 -33.48 35.27
C LYS B 144 4.47 -34.50 34.53
N ASP B 145 5.74 -34.17 34.28
CA ASP B 145 6.67 -35.09 33.62
C ASP B 145 7.27 -36.19 34.52
N GLY B 146 7.00 -36.13 35.83
CA GLY B 146 7.52 -37.12 36.80
C GLY B 146 8.87 -36.81 37.45
N LEU B 147 9.48 -35.70 37.04
CA LEU B 147 10.82 -35.33 37.51
C LEU B 147 10.82 -34.63 38.86
N LEU B 148 9.70 -34.00 39.23
CA LEU B 148 9.53 -33.49 40.58
C LEU B 148 8.23 -34.01 41.17
N ILE B 149 8.17 -34.00 42.50
CA ILE B 149 6.96 -34.32 43.24
C ILE B 149 6.47 -32.99 43.86
N LYS B 150 5.15 -32.82 43.92
CA LYS B 150 4.49 -31.57 44.38
C LYS B 150 5.06 -30.97 45.71
N ASP B 151 5.31 -31.83 46.70
CA ASP B 151 5.87 -31.43 48.02
C ASP B 151 7.17 -30.63 47.92
N GLU B 152 7.96 -30.94 46.90
CA GLU B 152 9.24 -30.27 46.65
C GLU B 152 9.12 -28.85 46.12
N LEU B 153 8.02 -28.55 45.42
CA LEU B 153 7.79 -27.17 44.93
C LEU B 153 7.86 -26.13 46.08
N PRO B 154 8.61 -25.03 45.86
CA PRO B 154 8.92 -24.08 46.94
C PRO B 154 7.76 -23.20 47.31
N GLN B 155 7.92 -22.45 48.41
CA GLN B 155 6.92 -21.46 48.81
C GLN B 155 6.90 -20.31 47.81
N PRO B 156 5.71 -19.77 47.49
CA PRO B 156 5.60 -18.61 46.61
C PRO B 156 6.32 -17.36 47.09
N ILE B 157 6.74 -16.52 46.14
CA ILE B 157 7.28 -15.21 46.46
C ILE B 157 6.57 -14.12 45.67
N ASP B 158 6.51 -12.95 46.28
CA ASP B 158 5.97 -11.77 45.62
C ASP B 158 7.12 -11.16 44.87
N ALA B 159 7.01 -11.15 43.55
CA ALA B 159 7.95 -10.47 42.67
C ALA B 159 7.15 -9.75 41.60
N ASP B 160 6.69 -8.55 41.88
CA ASP B 160 5.89 -7.80 40.90
C ASP B 160 6.75 -7.29 39.72
N SER B 161 8.06 -7.35 39.85
CA SER B 161 8.99 -7.27 38.72
C SER B 161 9.98 -8.43 38.83
N VAL B 162 10.60 -8.81 37.74
CA VAL B 162 11.55 -9.90 37.77
C VAL B 162 12.84 -9.44 38.41
N ASN B 163 13.32 -10.22 39.38
CA ASN B 163 14.73 -10.18 39.79
C ASN B 163 15.38 -11.50 39.39
N TYR B 164 16.28 -11.43 38.41
CA TYR B 164 16.88 -12.63 37.81
C TYR B 164 17.74 -13.44 38.82
N GLN B 165 18.28 -12.77 39.82
CA GLN B 165 19.07 -13.43 40.86
C GLN B 165 18.17 -14.10 41.91
N THR B 166 17.09 -13.43 42.31
CA THR B 166 16.09 -14.05 43.19
C THR B 166 15.48 -15.30 42.57
N ALA B 167 15.19 -15.21 41.26
CA ALA B 167 14.62 -16.33 40.50
C ALA B 167 15.60 -17.48 40.35
N ASN B 168 16.87 -17.12 40.15
CA ASN B 168 17.92 -18.11 40.02
C ASN B 168 18.12 -18.91 41.32
N LYS B 169 18.19 -18.23 42.47
CA LYS B 169 18.37 -18.89 43.78
C LYS B 169 17.18 -19.84 44.09
N LEU B 170 15.98 -19.42 43.74
CA LEU B 170 14.76 -20.19 44.01
C LEU B 170 14.53 -21.40 43.11
N LYS B 171 14.85 -21.26 41.82
CA LYS B 171 14.46 -22.27 40.82
C LYS B 171 15.55 -23.23 40.40
N SER B 172 16.81 -22.79 40.44
CA SER B 172 17.90 -23.61 39.95
C SER B 172 18.16 -24.89 40.75
N PRO B 173 18.02 -24.86 42.08
CA PRO B 173 18.18 -26.15 42.78
C PRO B 173 17.19 -27.21 42.31
N LEU B 174 15.95 -26.82 42.11
CA LEU B 174 14.91 -27.76 41.70
C LEU B 174 15.03 -28.22 40.25
N ILE B 175 15.51 -27.33 39.37
CA ILE B 175 15.77 -27.66 37.95
C ILE B 175 16.92 -28.65 37.81
N THR B 176 17.96 -28.45 38.62
CA THR B 176 19.08 -29.39 38.69
C THR B 176 18.65 -30.75 39.26
N LYS B 177 17.83 -30.72 40.31
CA LYS B 177 17.30 -31.94 40.89
C LYS B 177 16.51 -32.73 39.83
N ALA B 178 15.73 -32.02 39.05
CA ALA B 178 14.91 -32.62 38.02
C ALA B 178 15.75 -33.19 36.89
N ALA B 179 16.79 -32.46 36.50
CA ALA B 179 17.73 -32.95 35.48
C ALA B 179 18.53 -34.16 35.95
N LYS B 180 18.89 -34.17 37.23
CA LYS B 180 19.57 -35.31 37.84
C LYS B 180 18.68 -36.57 37.74
N ARG B 181 17.41 -36.45 38.11
CA ARG B 181 16.45 -37.56 37.95
C ARG B 181 16.27 -38.01 36.51
N LEU B 182 16.36 -37.08 35.57
CA LEU B 182 16.26 -37.37 34.17
C LEU B 182 17.48 -38.17 33.69
N ILE B 183 18.70 -37.73 33.97
CA ILE B 183 19.88 -38.50 33.54
C ILE B 183 20.03 -39.86 34.26
N ASP B 184 19.59 -39.97 35.50
CA ASP B 184 19.50 -41.26 36.20
C ASP B 184 18.55 -42.30 35.57
N GLY B 185 17.41 -41.86 35.02
CA GLY B 185 16.38 -42.76 34.52
C GLY B 185 16.76 -43.55 33.28
N ASN B 186 15.99 -44.59 32.98
CA ASN B 186 16.18 -45.45 31.79
C ASN B 186 14.94 -45.51 30.88
N GLY B 187 13.93 -44.69 31.17
CA GLY B 187 12.65 -44.74 30.48
C GLY B 187 12.63 -43.98 29.17
N GLU B 188 11.42 -43.57 28.75
CA GLU B 188 11.19 -42.96 27.43
C GLU B 188 11.79 -41.57 27.36
N LEU B 189 11.81 -40.87 28.49
CA LEU B 189 12.31 -39.51 28.59
C LEU B 189 13.83 -39.49 28.41
N LYS B 190 14.52 -40.47 28.98
CA LYS B 190 15.97 -40.63 28.78
C LYS B 190 16.30 -40.86 27.31
N SER B 191 15.50 -41.72 26.66
CA SER B 191 15.65 -42.00 25.24
C SER B 191 15.47 -40.75 24.36
N LYS B 192 14.51 -39.90 24.74
CA LYS B 192 14.32 -38.60 24.09
C LYS B 192 15.51 -37.63 24.32
N LEU B 193 16.15 -37.72 25.48
CA LEU B 193 17.34 -36.92 25.74
C LEU B 193 18.51 -37.38 24.87
N LEU B 194 18.69 -38.68 24.71
CA LEU B 194 19.77 -39.20 23.88
C LEU B 194 19.60 -38.81 22.41
N ASP B 195 18.36 -38.88 21.91
CA ASP B 195 17.99 -38.36 20.60
C ASP B 195 18.34 -36.88 20.39
N PHE B 196 18.02 -36.06 21.37
CA PHE B 196 18.34 -34.65 21.40
C PHE B 196 19.86 -34.39 21.28
N ARG B 197 20.64 -35.11 22.07
CA ARG B 197 22.10 -34.93 22.16
C ARG B 197 22.87 -35.18 20.86
N ASN B 198 22.54 -36.30 20.21
CA ASN B 198 23.23 -36.76 18.99
C ASN B 198 22.57 -36.29 17.71
N ASP B 199 21.55 -35.46 17.82
CA ASP B 199 21.03 -34.72 16.70
C ASP B 199 22.16 -33.83 16.15
N PRO B 200 22.68 -34.12 14.94
CA PRO B 200 23.86 -33.40 14.43
C PRO B 200 23.82 -31.87 14.51
N SER B 201 22.64 -31.30 14.35
CA SER B 201 22.44 -29.86 14.36
C SER B 201 22.18 -29.28 15.74
N ILE B 202 22.07 -30.11 16.78
CA ILE B 202 22.07 -29.62 18.18
C ILE B 202 23.51 -29.59 18.72
N SER B 203 24.24 -30.68 18.49
CA SER B 203 25.59 -30.86 19.07
C SER B 203 26.62 -29.88 18.53
N CYS B 204 26.45 -29.43 17.29
CA CYS B 204 27.33 -28.42 16.70
C CYS B 204 27.29 -27.06 17.45
N TRP B 205 26.28 -26.82 18.29
CA TRP B 205 26.34 -25.74 19.28
C TRP B 205 26.27 -26.19 20.75
N LEU B 206 25.63 -27.30 21.06
CA LEU B 206 25.36 -27.64 22.46
C LEU B 206 26.59 -28.11 23.26
N GLU B 207 27.45 -28.90 22.61
CA GLU B 207 28.67 -29.41 23.22
C GLU B 207 29.61 -28.26 23.64
N ASP B 208 29.85 -27.31 22.72
CA ASP B 208 30.73 -26.17 23.00
C ASP B 208 30.23 -25.35 24.19
N ALA B 209 28.91 -25.14 24.24
CA ALA B 209 28.24 -24.42 25.32
C ALA B 209 28.30 -25.10 26.70
N ALA B 210 28.26 -26.43 26.73
CA ALA B 210 28.37 -27.18 27.97
C ALA B 210 29.81 -27.11 28.49
N TYR B 211 30.76 -27.32 27.59
CA TYR B 211 32.20 -27.27 27.92
C TYR B 211 32.56 -25.91 28.47
N PHE B 212 32.05 -24.86 27.81
CA PHE B 212 32.25 -23.50 28.21
C PHE B 212 31.67 -23.24 29.60
N ALA B 213 30.41 -23.61 29.78
CA ALA B 213 29.79 -23.47 31.09
C ALA B 213 30.57 -24.26 32.18
N ALA B 214 31.09 -25.44 31.80
CA ALA B 214 31.87 -26.28 32.70
C ALA B 214 33.18 -25.63 33.11
N ILE B 215 33.90 -25.09 32.13
CA ILE B 215 35.17 -24.40 32.40
C ILE B 215 34.94 -23.20 33.32
N ASP B 216 33.91 -22.42 33.02
CA ASP B 216 33.53 -21.27 33.82
C ASP B 216 33.14 -21.64 35.25
N ASN B 217 32.56 -22.83 35.44
CA ASN B 217 32.29 -23.37 36.78
C ASN B 217 33.57 -23.77 37.57
N THR B 218 34.57 -24.29 36.87
CA THR B 218 35.88 -24.62 37.44
C THR B 218 36.70 -23.40 37.85
N LEU B 219 36.65 -22.30 37.09
CA LEU B 219 37.58 -21.17 37.26
C LEU B 219 36.97 -19.93 37.93
N ASN B 220 37.78 -19.16 38.67
CA ASN B 220 37.36 -17.87 39.29
C ASN B 220 37.36 -16.64 38.38
N ALA B 221 38.03 -16.74 37.23
CA ALA B 221 38.12 -15.64 36.21
C ALA B 221 36.82 -14.86 35.92
N TYR B 222 36.99 -13.59 35.61
CA TYR B 222 35.89 -12.69 35.26
C TYR B 222 35.34 -13.08 33.88
N SER B 223 36.23 -13.25 32.91
CA SER B 223 35.90 -13.73 31.56
C SER B 223 36.92 -14.77 31.07
N TRP B 224 36.68 -15.30 29.87
CA TRP B 224 37.57 -16.30 29.28
C TRP B 224 38.88 -15.69 28.78
N PHE B 225 38.94 -14.37 28.64
CA PHE B 225 40.18 -13.69 28.36
C PHE B 225 41.28 -14.04 29.39
N GLU B 226 40.88 -14.15 30.65
CA GLU B 226 41.79 -14.50 31.76
C GLU B 226 42.01 -15.99 31.97
N TRP B 227 41.38 -16.85 31.17
CA TRP B 227 41.58 -18.28 31.33
C TRP B 227 43.00 -18.67 30.93
N PRO B 228 43.55 -19.76 31.52
CA PRO B 228 44.85 -20.28 31.09
C PRO B 228 44.88 -20.70 29.63
N GLU B 229 46.00 -20.47 28.94
CA GLU B 229 46.11 -20.69 27.48
C GLU B 229 45.48 -22.00 26.91
N PRO B 230 45.65 -23.13 27.62
CA PRO B 230 45.09 -24.37 27.10
C PRO B 230 43.57 -24.48 27.17
N LEU B 231 42.93 -23.80 28.11
CA LEU B 231 41.47 -23.71 28.11
C LEU B 231 41.01 -22.59 27.17
N LYS B 232 41.73 -21.50 27.22
CA LYS B 232 41.44 -20.34 26.40
C LYS B 232 41.46 -20.68 24.90
N ASN B 233 42.40 -21.52 24.47
CA ASN B 233 42.53 -21.93 23.08
C ASN B 233 42.19 -23.39 22.81
N ARG B 234 41.54 -24.04 23.76
CA ARG B 234 40.76 -25.24 23.48
C ARG B 234 41.61 -26.40 23.04
N HIS B 235 42.69 -26.61 23.77
CA HIS B 235 43.55 -27.75 23.53
C HIS B 235 42.82 -29.03 23.88
N LEU B 236 42.97 -30.04 23.03
CA LEU B 236 42.27 -31.30 23.18
C LEU B 236 42.39 -31.91 24.56
N SER B 237 43.62 -32.06 25.04
CA SER B 237 43.86 -32.66 26.34
C SER B 237 43.25 -31.86 27.47
N ALA B 238 43.28 -30.53 27.38
CA ALA B 238 42.68 -29.67 28.39
C ALA B 238 41.16 -29.83 28.40
N LEU B 239 40.56 -29.96 27.22
CA LEU B 239 39.11 -30.25 27.14
C LEU B 239 38.75 -31.65 27.61
N GLU B 240 39.58 -32.64 27.30
CA GLU B 240 39.42 -34.00 27.84
C GLU B 240 39.41 -34.03 29.38
N ALA B 241 40.38 -33.33 29.98
CA ALA B 241 40.46 -33.22 31.43
C ALA B 241 39.21 -32.56 32.02
N ILE B 242 38.68 -31.55 31.35
CA ILE B 242 37.46 -30.90 31.81
C ILE B 242 36.29 -31.88 31.79
N TYR B 243 36.15 -32.64 30.72
CA TYR B 243 35.13 -33.65 30.66
C TYR B 243 35.21 -34.62 31.86
N GLU B 244 36.41 -35.14 32.15
CA GLU B 244 36.59 -36.11 33.24
C GLU B 244 36.19 -35.54 34.61
N SER B 245 36.55 -34.30 34.86
CA SER B 245 36.33 -33.69 36.18
C SER B 245 34.97 -33.00 36.31
N GLN B 246 34.38 -32.63 35.17
CA GLN B 246 33.08 -31.95 35.18
C GLN B 246 32.01 -32.71 34.35
N LYS B 247 32.14 -34.03 34.26
CA LYS B 247 31.20 -34.89 33.50
C LYS B 247 29.72 -34.73 33.89
N GLU B 248 29.48 -34.64 35.19
CA GLU B 248 28.11 -34.60 35.70
C GLU B 248 27.48 -33.24 35.39
N PHE B 249 28.20 -32.16 35.73
CA PHE B 249 27.79 -30.81 35.39
C PHE B 249 27.43 -30.68 33.89
N ILE B 250 28.23 -31.31 33.03
CA ILE B 250 28.06 -31.24 31.60
C ILE B 250 26.78 -31.94 31.18
N ASP B 251 26.60 -33.16 31.66
CA ASP B 251 25.38 -33.89 31.40
C ASP B 251 24.13 -33.21 31.98
N LEU B 252 24.28 -32.51 33.12
CA LEU B 252 23.17 -31.72 33.69
C LEU B 252 22.80 -30.50 32.84
N PHE B 253 23.79 -29.79 32.32
CA PHE B 253 23.61 -28.65 31.44
C PHE B 253 22.88 -29.06 30.15
N ILE B 254 23.35 -30.14 29.54
CA ILE B 254 22.70 -30.70 28.35
C ILE B 254 21.24 -31.15 28.64
N ALA B 255 21.00 -31.75 29.82
CA ALA B 255 19.67 -32.13 30.25
C ALA B 255 18.76 -30.93 30.48
N LYS B 256 19.27 -29.86 31.09
CA LYS B 256 18.48 -28.63 31.19
C LYS B 256 18.13 -28.00 29.84
N GLN B 257 19.03 -28.05 28.87
CA GLN B 257 18.70 -27.60 27.52
C GLN B 257 17.63 -28.46 26.84
N PHE B 258 17.67 -29.80 27.09
CA PHE B 258 16.61 -30.70 26.65
C PHE B 258 15.26 -30.32 27.25
N LEU B 259 15.26 -30.00 28.55
CA LEU B 259 14.03 -29.62 29.26
C LEU B 259 13.42 -28.31 28.73
N PHE B 260 14.26 -27.32 28.48
CA PHE B 260 13.82 -26.08 27.86
C PHE B 260 13.22 -26.34 26.48
N GLN B 261 13.95 -27.09 25.67
CA GLN B 261 13.54 -27.50 24.33
C GLN B 261 12.16 -28.17 24.33
N ARG B 262 11.95 -29.06 25.29
CA ARG B 262 10.70 -29.78 25.40
C ARG B 262 9.54 -28.86 25.78
N GLN B 263 9.73 -28.02 26.79
CA GLN B 263 8.65 -27.12 27.22
C GLN B 263 8.30 -26.06 26.16
N TRP B 264 9.31 -25.55 25.46
CA TRP B 264 9.10 -24.64 24.37
C TRP B 264 8.36 -25.27 23.19
N GLN B 265 8.78 -26.45 22.74
CA GLN B 265 8.10 -27.13 21.64
C GLN B 265 6.63 -27.44 21.96
N LYS B 266 6.32 -27.65 23.24
CA LYS B 266 4.95 -27.89 23.66
C LYS B 266 4.12 -26.58 23.60
N VAL B 267 4.72 -25.47 24.05
CA VAL B 267 4.08 -24.15 23.92
C VAL B 267 3.81 -23.81 22.47
N ARG B 268 4.76 -24.09 21.60
CA ARG B 268 4.63 -23.82 20.19
C ARG B 268 3.62 -24.72 19.49
N GLU B 269 3.56 -26.00 19.88
CA GLU B 269 2.51 -26.89 19.36
C GLU B 269 1.11 -26.41 19.77
N TYR B 270 1.00 -25.93 21.01
CA TYR B 270 -0.30 -25.45 21.49
C TYR B 270 -0.71 -24.15 20.78
N ALA B 271 0.24 -23.23 20.57
CA ALA B 271 0.01 -22.10 19.69
C ALA B 271 -0.47 -22.49 18.27
N ARG B 272 0.20 -23.44 17.64
CA ARG B 272 -0.18 -23.92 16.30
C ARG B 272 -1.61 -24.49 16.32
N ARG B 273 -1.93 -25.27 17.35
CA ARG B 273 -3.26 -25.82 17.56
C ARG B 273 -4.35 -24.74 17.62
N GLN B 274 -4.06 -23.60 18.27
CA GLN B 274 -4.98 -22.47 18.36
C GLN B 274 -4.78 -21.42 17.26
N GLY B 275 -4.05 -21.76 16.20
CA GLY B 275 -3.91 -20.86 15.04
C GLY B 275 -3.03 -19.63 15.23
N VAL B 276 -2.03 -19.74 16.11
CA VAL B 276 -1.13 -18.66 16.50
C VAL B 276 0.29 -19.00 16.07
N ASP B 277 0.90 -18.11 15.28
CA ASP B 277 2.28 -18.24 14.89
C ASP B 277 3.10 -17.54 15.94
N ILE B 278 4.31 -18.03 16.15
CA ILE B 278 5.22 -17.37 17.08
C ILE B 278 6.36 -16.74 16.33
N MET B 279 6.54 -15.45 16.55
CA MET B 279 7.61 -14.70 15.92
C MET B 279 8.71 -14.53 16.95
N GLY B 280 9.85 -15.12 16.67
CA GLY B 280 10.99 -14.96 17.55
C GLY B 280 11.76 -13.70 17.22
N ASP B 281 12.96 -13.64 17.79
CA ASP B 281 13.85 -12.50 17.69
C ASP B 281 15.28 -13.01 17.70
N MET B 282 16.02 -12.58 16.68
CA MET B 282 17.42 -12.95 16.44
C MET B 282 18.28 -11.75 16.82
N PRO B 283 18.85 -11.76 18.04
CA PRO B 283 19.73 -10.65 18.38
C PRO B 283 20.92 -10.63 17.43
N ILE B 284 21.35 -9.46 17.00
CA ILE B 284 22.42 -9.37 16.00
C ILE B 284 23.76 -9.76 16.61
N TYR B 285 24.00 -9.31 17.83
CA TYR B 285 25.26 -9.58 18.50
C TYR B 285 25.07 -10.48 19.76
N VAL B 286 26.13 -11.19 20.07
CA VAL B 286 26.16 -12.03 21.25
C VAL B 286 27.31 -11.47 22.13
N GLY B 287 27.26 -11.75 23.43
CA GLY B 287 28.27 -11.25 24.38
C GLY B 287 29.66 -11.86 24.22
N TYR B 288 30.65 -11.15 24.76
CA TYR B 288 32.06 -11.59 24.72
C TYR B 288 32.25 -12.91 25.48
N HIS B 289 31.70 -12.96 26.68
CA HIS B 289 31.82 -14.15 27.51
C HIS B 289 30.74 -15.17 27.12
N SER B 290 31.04 -15.90 26.06
CA SER B 290 30.12 -16.93 25.55
C SER B 290 30.87 -17.99 24.79
N ALA B 291 30.27 -19.17 24.69
CA ALA B 291 30.86 -20.25 23.90
C ALA B 291 30.99 -19.86 22.42
N ASP B 292 30.07 -19.06 21.92
CA ASP B 292 30.13 -18.62 20.53
C ASP B 292 31.42 -17.89 20.20
N VAL B 293 31.78 -16.91 21.00
CA VAL B 293 32.99 -16.12 20.71
C VAL B 293 34.23 -16.99 20.93
N TRP B 294 34.24 -17.67 22.08
CA TRP B 294 35.32 -18.56 22.52
C TRP B 294 35.62 -19.68 21.54
N ALA B 295 34.58 -20.36 21.08
CA ALA B 295 34.78 -21.48 20.16
C ALA B 295 34.91 -21.07 18.67
N ASN B 296 34.81 -19.77 18.35
CA ASN B 296 34.97 -19.28 16.98
C ASN B 296 35.70 -17.94 16.97
N LYS B 297 36.82 -17.89 17.68
CA LYS B 297 37.63 -16.67 17.81
C LYS B 297 37.94 -16.00 16.48
N LYS B 298 38.43 -16.80 15.54
CA LYS B 298 38.83 -16.29 14.20
C LYS B 298 37.72 -15.63 13.39
N HIS B 299 36.46 -15.88 13.77
CA HIS B 299 35.27 -15.30 13.11
C HIS B 299 34.76 -14.00 13.78
N PHE B 300 35.51 -13.48 14.76
CA PHE B 300 35.24 -12.19 15.39
C PHE B 300 36.45 -11.27 15.24
N LEU B 301 36.30 -9.98 15.57
CA LEU B 301 37.38 -9.01 15.41
C LEU B 301 38.10 -8.85 16.76
N LEU B 302 39.02 -9.79 17.03
CA LEU B 302 39.79 -9.84 18.28
C LEU B 302 41.25 -9.80 17.90
N ASN B 303 42.10 -9.35 18.82
CA ASN B 303 43.58 -9.38 18.63
C ASN B 303 44.12 -10.79 18.84
N LYS B 304 45.44 -10.97 18.74
CA LYS B 304 46.06 -12.29 18.90
C LYS B 304 45.76 -12.97 20.22
N LYS B 305 45.64 -12.20 21.31
CA LYS B 305 45.41 -12.76 22.67
C LYS B 305 43.92 -12.96 23.02
N GLY B 306 43.03 -12.63 22.08
CA GLY B 306 41.58 -12.80 22.25
C GLY B 306 40.79 -11.60 22.72
N PHE B 307 41.44 -10.44 22.84
CA PHE B 307 40.72 -9.23 23.30
C PHE B 307 40.05 -8.55 22.09
N PRO B 308 38.83 -7.98 22.27
CA PRO B 308 38.18 -7.32 21.12
C PRO B 308 38.88 -6.03 20.66
N LEU B 309 39.14 -5.94 19.36
CA LEU B 309 39.71 -4.72 18.76
C LEU B 309 38.64 -3.64 18.70
N LEU B 310 37.45 -4.04 18.23
CA LEU B 310 36.32 -3.15 18.12
C LEU B 310 35.07 -3.80 18.69
N VAL B 311 34.17 -2.94 19.18
CA VAL B 311 32.89 -3.30 19.75
C VAL B 311 31.72 -2.54 19.12
N SER B 312 30.52 -3.05 19.40
CA SER B 312 29.29 -2.63 18.78
C SER B 312 28.64 -1.43 19.49
N GLY B 313 27.78 -0.75 18.73
CA GLY B 313 27.02 0.40 19.21
C GLY B 313 26.37 1.13 18.05
N VAL B 314 25.75 2.27 18.32
CA VAL B 314 25.27 3.15 17.26
C VAL B 314 25.63 4.60 17.58
N PRO B 315 25.86 5.45 16.56
CA PRO B 315 26.19 6.85 16.79
C PRO B 315 25.10 7.63 17.54
N PRO B 316 25.41 8.89 17.90
CA PRO B 316 24.47 9.77 18.61
C PRO B 316 23.09 9.78 17.99
N ASP B 317 22.08 9.47 18.79
CA ASP B 317 20.73 9.20 18.30
C ASP B 317 19.65 9.73 19.28
N LEU B 318 18.41 9.25 19.13
CA LEU B 318 17.30 9.66 20.01
C LEU B 318 17.55 9.35 21.48
N PHE B 319 18.15 8.20 21.75
CA PHE B 319 18.30 7.68 23.13
C PHE B 319 19.53 8.20 23.89
N SER B 320 20.58 8.58 23.20
CA SER B 320 21.78 9.09 23.88
C SER B 320 22.53 10.14 23.05
N GLU B 321 22.91 11.25 23.68
CA GLU B 321 23.77 12.28 23.06
C GLU B 321 25.14 11.75 22.63
N THR B 322 25.66 10.76 23.36
CA THR B 322 26.92 10.12 23.02
C THR B 322 26.78 8.84 22.17
N GLY B 323 25.56 8.49 21.77
CA GLY B 323 25.30 7.20 21.13
C GLY B 323 25.17 6.10 22.17
N GLN B 324 24.81 4.91 21.71
CA GLN B 324 24.61 3.74 22.56
C GLN B 324 25.80 2.84 22.33
N LEU B 325 26.59 2.59 23.38
CA LEU B 325 27.73 1.70 23.30
C LEU B 325 27.27 0.36 23.87
N TRP B 326 27.02 -0.60 22.99
CA TRP B 326 26.46 -1.91 23.42
C TRP B 326 27.55 -2.77 24.04
N GLY B 327 28.76 -2.72 23.46
CA GLY B 327 29.94 -3.36 24.03
C GLY B 327 30.26 -4.73 23.48
N SER B 328 29.42 -5.26 22.62
CA SER B 328 29.58 -6.59 22.09
C SER B 328 30.77 -6.66 21.18
N PRO B 329 31.40 -7.83 21.10
CA PRO B 329 32.37 -8.01 20.04
C PRO B 329 31.69 -7.96 18.65
N LEU B 330 32.49 -7.78 17.61
CA LEU B 330 32.00 -7.63 16.25
C LEU B 330 32.46 -8.80 15.40
N TYR B 331 31.70 -9.08 14.35
CA TYR B 331 31.96 -10.16 13.39
C TYR B 331 33.04 -9.79 12.38
N ASP B 332 34.00 -10.68 12.22
CA ASP B 332 34.96 -10.66 11.13
C ASP B 332 34.25 -11.29 9.94
N TRP B 333 33.60 -10.43 9.16
CA TRP B 333 32.77 -10.88 8.07
C TRP B 333 33.51 -11.58 6.92
N LYS B 334 34.69 -11.10 6.53
CA LYS B 334 35.45 -11.76 5.44
C LYS B 334 35.89 -13.20 5.84
N ALA B 335 36.22 -13.38 7.12
CA ALA B 335 36.51 -14.70 7.68
C ALA B 335 35.28 -15.60 7.62
N MET B 336 34.16 -15.09 8.11
CA MET B 336 32.91 -15.86 8.09
C MET B 336 32.47 -16.28 6.71
N GLU B 337 32.62 -15.38 5.75
CA GLU B 337 32.36 -15.62 4.32
C GLU B 337 33.09 -16.87 3.80
N SER B 338 34.16 -17.28 4.47
CA SER B 338 35.07 -18.31 3.97
C SER B 338 34.76 -19.75 4.36
N ASP B 339 33.90 -20.01 5.35
CA ASP B 339 33.25 -21.33 5.42
C ASP B 339 31.75 -21.15 5.35
N GLN B 340 31.35 -20.22 4.48
CA GLN B 340 29.97 -19.98 4.05
C GLN B 340 29.05 -19.46 5.16
N TYR B 341 29.60 -18.67 6.07
CA TYR B 341 28.85 -18.13 7.19
C TYR B 341 28.16 -19.24 7.98
N SER B 342 28.82 -20.38 8.11
CA SER B 342 28.20 -21.56 8.72
C SER B 342 27.68 -21.33 10.14
N TRP B 343 28.29 -20.42 10.89
CA TRP B 343 27.82 -20.07 12.23
C TRP B 343 26.55 -19.28 12.18
N TRP B 344 26.42 -18.36 11.22
CA TRP B 344 25.15 -17.65 11.03
C TRP B 344 24.06 -18.55 10.49
N VAL B 345 24.45 -19.46 9.60
CA VAL B 345 23.49 -20.41 9.03
C VAL B 345 22.98 -21.39 10.09
N ASN B 346 23.78 -21.69 11.11
CA ASN B 346 23.30 -22.56 12.20
C ASN B 346 22.36 -21.83 13.14
N ARG B 347 22.57 -20.52 13.34
CA ARG B 347 21.64 -19.68 14.12
C ARG B 347 20.25 -19.70 13.56
N ILE B 348 20.16 -19.47 12.24
CA ILE B 348 18.86 -19.42 11.53
C ILE B 348 18.18 -20.78 11.51
N ARG B 349 18.97 -21.85 11.44
CA ARG B 349 18.44 -23.20 11.50
C ARG B 349 17.84 -23.49 12.87
N ARG B 350 18.57 -23.14 13.94
CA ARG B 350 18.05 -23.22 15.32
C ARG B 350 16.75 -22.42 15.46
N ALA B 351 16.72 -21.16 15.00
CA ALA B 351 15.50 -20.33 15.03
C ALA B 351 14.30 -20.91 14.30
N GLN B 352 14.53 -21.59 13.18
CA GLN B 352 13.45 -22.31 12.46
C GLN B 352 12.82 -23.40 13.28
N ASP B 353 13.62 -24.05 14.09
CA ASP B 353 13.15 -25.07 14.97
C ASP B 353 12.35 -24.49 16.16
N LEU B 354 12.67 -23.28 16.60
CA LEU B 354 11.95 -22.63 17.69
C LEU B 354 10.76 -21.77 17.28
N TYR B 355 10.80 -21.17 16.09
CA TYR B 355 9.78 -20.22 15.67
C TYR B 355 9.20 -20.50 14.28
N ASP B 356 8.06 -19.90 14.02
CA ASP B 356 7.50 -19.84 12.67
C ASP B 356 8.16 -18.77 11.83
N GLU B 357 8.52 -17.65 12.47
CA GLU B 357 8.96 -16.46 11.80
C GLU B 357 9.95 -15.78 12.70
N CYS B 358 10.79 -14.94 12.13
CA CYS B 358 11.84 -14.36 12.93
C CYS B 358 12.17 -12.92 12.59
N ARG B 359 12.20 -12.08 13.62
CA ARG B 359 12.65 -10.70 13.55
C ARG B 359 14.18 -10.71 13.58
N ILE B 360 14.80 -10.03 12.63
CA ILE B 360 16.25 -9.87 12.58
C ILE B 360 16.53 -8.50 13.19
N ASP B 361 17.10 -8.54 14.38
CA ASP B 361 17.44 -7.36 15.12
C ASP B 361 18.52 -6.54 14.40
N HIS B 362 18.36 -5.23 14.38
CA HIS B 362 19.37 -4.35 13.81
C HIS B 362 19.80 -4.84 12.45
N PHE B 363 18.78 -5.07 11.61
CA PHE B 363 18.98 -5.52 10.25
C PHE B 363 19.97 -4.64 9.52
N ARG B 364 19.91 -3.31 9.72
CA ARG B 364 20.81 -2.36 9.04
C ARG B 364 22.30 -2.73 9.18
N GLY B 365 22.65 -3.31 10.33
CA GLY B 365 23.98 -3.85 10.63
C GLY B 365 24.57 -4.80 9.59
N PHE B 366 23.73 -5.46 8.79
CA PHE B 366 24.22 -6.34 7.73
C PHE B 366 24.60 -5.56 6.47
N ALA B 367 24.09 -4.33 6.34
CA ALA B 367 24.56 -3.46 5.28
C ALA B 367 25.79 -2.75 5.77
N GLY B 368 25.66 -2.05 6.88
CA GLY B 368 26.77 -1.28 7.46
C GLY B 368 26.69 -1.36 8.98
N PHE B 369 27.84 -1.53 9.64
CA PHE B 369 27.86 -1.59 11.10
C PHE B 369 28.83 -0.58 11.70
N TRP B 370 28.45 -0.06 12.87
CA TRP B 370 29.20 0.96 13.60
C TRP B 370 30.23 0.31 14.54
N ALA B 371 31.51 0.59 14.28
CA ALA B 371 32.62 0.03 15.05
C ALA B 371 33.26 1.06 15.97
N VAL B 372 33.28 0.78 17.26
CA VAL B 372 33.86 1.69 18.27
C VAL B 372 35.13 1.03 18.81
N PRO B 373 36.23 1.81 18.98
CA PRO B 373 37.43 1.29 19.66
C PRO B 373 37.13 0.68 21.03
N SER B 374 37.68 -0.49 21.31
CA SER B 374 37.27 -1.30 22.46
C SER B 374 37.51 -0.63 23.81
N GLU B 375 38.53 0.23 23.89
CA GLU B 375 38.84 1.02 25.10
C GLU B 375 37.85 2.18 25.37
N ALA B 376 37.10 2.62 24.35
CA ALA B 376 36.24 3.80 24.45
C ALA B 376 35.17 3.70 25.55
N LYS B 377 34.87 4.84 26.18
CA LYS B 377 33.80 4.97 27.19
C LYS B 377 32.46 5.48 26.58
N VAL B 378 32.47 5.86 25.29
CA VAL B 378 31.27 6.26 24.55
C VAL B 378 31.32 5.80 23.09
N ALA B 379 30.15 5.65 22.48
CA ALA B 379 30.04 5.16 21.09
C ALA B 379 30.30 6.24 20.05
N MET B 380 30.23 7.50 20.46
CA MET B 380 30.27 8.62 19.51
C MET B 380 31.57 8.75 18.71
N VAL B 381 32.67 8.27 19.26
CA VAL B 381 33.92 8.12 18.50
C VAL B 381 33.89 6.71 17.91
N GLY B 382 33.72 6.61 16.59
CA GLY B 382 33.64 5.33 15.88
C GLY B 382 33.52 5.48 14.36
N ARG B 383 33.39 4.36 13.64
CA ARG B 383 33.31 4.35 12.17
C ARG B 383 32.25 3.36 11.70
N TRP B 384 31.64 3.65 10.55
CA TRP B 384 30.80 2.72 9.80
C TRP B 384 31.64 1.82 8.94
N LYS B 385 31.33 0.54 8.98
CA LYS B 385 32.04 -0.46 8.19
C LYS B 385 31.07 -1.26 7.38
N VAL B 386 31.57 -1.79 6.27
CA VAL B 386 30.75 -2.47 5.27
C VAL B 386 30.38 -3.88 5.76
N GLY B 387 29.08 -4.15 5.79
CA GLY B 387 28.52 -5.44 6.19
C GLY B 387 28.56 -6.44 5.05
N PRO B 388 28.10 -7.68 5.29
CA PRO B 388 28.15 -8.77 4.30
C PRO B 388 27.14 -8.67 3.16
N GLY B 389 26.03 -7.94 3.37
CA GLY B 389 25.00 -7.71 2.35
C GLY B 389 24.29 -8.99 1.93
N LYS B 390 23.87 -9.04 0.67
CA LYS B 390 23.11 -10.17 0.15
C LYS B 390 23.84 -11.52 0.30
N SER B 391 25.16 -11.49 0.24
CA SER B 391 26.00 -12.71 0.32
C SER B 391 25.66 -13.62 1.52
N LEU B 392 25.33 -12.99 2.64
CA LEU B 392 24.89 -13.71 3.82
C LEU B 392 23.55 -14.42 3.57
N PHE B 393 22.58 -13.69 3.01
CA PHE B 393 21.21 -14.23 2.81
C PHE B 393 21.09 -15.32 1.73
N ASP B 394 21.96 -15.28 0.72
CA ASP B 394 22.06 -16.39 -0.28
C ASP B 394 22.57 -17.69 0.39
N ALA B 395 23.53 -17.55 1.31
CA ALA B 395 24.03 -18.70 2.05
C ALA B 395 22.96 -19.27 2.99
N ILE B 396 22.16 -18.41 3.60
CA ILE B 396 21.06 -18.85 4.47
C ILE B 396 20.01 -19.58 3.61
N SER B 397 19.69 -19.03 2.44
CA SER B 397 18.80 -19.69 1.49
C SER B 397 19.37 -21.05 1.13
N LYS B 398 20.60 -21.07 0.64
CA LYS B 398 21.24 -22.32 0.19
C LYS B 398 21.31 -23.41 1.25
N GLY B 399 21.42 -23.04 2.52
CA GLY B 399 21.61 -24.00 3.62
C GLY B 399 20.35 -24.42 4.39
N VAL B 400 19.44 -23.47 4.56
CA VAL B 400 18.24 -23.62 5.39
C VAL B 400 16.95 -23.73 4.56
N GLY B 401 16.92 -23.09 3.39
CA GLY B 401 15.73 -23.06 2.53
C GLY B 401 14.90 -21.80 2.72
N LYS B 402 13.59 -21.91 2.50
CA LYS B 402 12.68 -20.77 2.58
C LYS B 402 12.37 -20.42 4.00
N ILE B 403 12.23 -19.13 4.21
CA ILE B 403 12.45 -18.57 5.51
C ILE B 403 11.65 -17.29 5.70
N LYS B 404 10.90 -17.20 6.82
CA LYS B 404 10.06 -16.05 7.13
C LYS B 404 10.79 -15.08 8.05
N ILE B 405 11.30 -14.00 7.46
CA ILE B 405 12.18 -13.05 8.10
C ILE B 405 11.50 -11.69 8.14
N ILE B 406 11.56 -11.01 9.28
CA ILE B 406 11.14 -9.62 9.42
C ILE B 406 12.37 -8.75 9.71
N ALA B 407 12.61 -7.77 8.84
CA ALA B 407 13.76 -6.89 8.98
C ALA B 407 13.43 -5.74 9.93
N GLU B 408 14.06 -5.71 11.09
CA GLU B 408 14.01 -4.56 11.99
C GLU B 408 14.94 -3.48 11.44
N ASP B 409 14.39 -2.65 10.55
CA ASP B 409 15.18 -1.67 9.81
C ASP B 409 14.91 -0.27 10.38
N LEU B 410 15.17 -0.14 11.67
CA LEU B 410 15.01 1.12 12.35
C LEU B 410 16.38 1.73 12.65
N GLY B 411 16.42 3.05 12.58
CA GLY B 411 17.56 3.82 13.00
C GLY B 411 17.94 4.73 11.87
N VAL B 412 19.22 4.74 11.54
CA VAL B 412 19.76 5.49 10.43
C VAL B 412 19.63 4.57 9.23
N ILE B 413 18.79 4.94 8.26
CA ILE B 413 18.54 4.10 7.11
C ILE B 413 19.15 4.75 5.88
N THR B 414 20.24 4.15 5.40
CA THR B 414 20.95 4.57 4.21
C THR B 414 20.44 3.78 2.99
N LYS B 415 20.86 4.22 1.79
CA LYS B 415 20.43 3.64 0.51
C LYS B 415 20.70 2.13 0.39
N ASP B 416 21.86 1.71 0.86
CA ASP B 416 22.25 0.30 0.85
C ASP B 416 21.41 -0.61 1.76
N VAL B 417 20.79 -0.06 2.81
CA VAL B 417 19.91 -0.82 3.72
C VAL B 417 18.58 -1.12 3.03
N VAL B 418 17.95 -0.07 2.52
CA VAL B 418 16.69 -0.17 1.79
C VAL B 418 16.81 -1.19 0.64
N GLU B 419 17.93 -1.13 -0.07
CA GLU B 419 18.18 -2.04 -1.19
C GLU B 419 18.38 -3.47 -0.72
N LEU B 420 19.10 -3.69 0.38
CA LEU B 420 19.31 -5.05 0.88
C LEU B 420 17.98 -5.65 1.32
N ARG B 421 17.20 -4.90 2.09
CA ARG B 421 15.91 -5.38 2.53
C ARG B 421 15.06 -5.83 1.32
N LYS B 422 14.93 -4.94 0.33
CA LYS B 422 14.16 -5.22 -0.89
C LYS B 422 14.71 -6.38 -1.72
N SER B 423 16.04 -6.52 -1.81
CA SER B 423 16.63 -7.61 -2.59
C SER B 423 16.43 -9.02 -1.97
N ILE B 424 16.08 -9.11 -0.68
CA ILE B 424 15.69 -10.40 -0.09
C ILE B 424 14.19 -10.54 0.16
N GLY B 425 13.44 -9.46 -0.04
CA GLY B 425 11.98 -9.49 0.01
C GLY B 425 11.38 -9.41 1.39
N ALA B 426 12.19 -9.10 2.40
CA ALA B 426 11.75 -9.11 3.78
C ALA B 426 10.91 -7.86 4.03
N PRO B 427 9.79 -7.99 4.77
CA PRO B 427 9.10 -6.77 5.19
C PRO B 427 9.91 -5.98 6.20
N GLY B 428 9.72 -4.66 6.17
CA GLY B 428 10.32 -3.76 7.14
C GLY B 428 9.32 -3.45 8.21
N MET B 429 9.59 -2.39 8.98
CA MET B 429 8.80 -2.03 10.16
C MET B 429 8.37 -0.57 10.14
N ALA B 430 7.19 -0.30 10.67
CA ALA B 430 6.77 1.05 11.03
C ALA B 430 6.36 1.09 12.51
N VAL B 431 6.88 2.11 13.23
CA VAL B 431 6.55 2.37 14.63
C VAL B 431 5.85 3.68 14.74
N LEU B 432 4.59 3.65 15.20
CA LEU B 432 3.77 4.85 15.26
C LEU B 432 4.28 5.91 16.22
N GLN B 433 4.93 5.49 17.29
CA GLN B 433 5.58 6.42 18.22
C GLN B 433 6.62 7.33 17.56
N PHE B 434 7.17 6.95 16.41
CA PHE B 434 8.08 7.85 15.65
C PHE B 434 7.41 8.59 14.50
N ALA B 435 6.08 8.65 14.46
CA ALA B 435 5.37 9.16 13.29
C ALA B 435 5.20 10.67 13.23
N PHE B 436 5.38 11.35 14.36
CA PHE B 436 4.94 12.74 14.50
C PHE B 436 6.05 13.78 14.67
N GLY B 437 7.28 13.36 14.44
CA GLY B 437 8.36 14.31 14.17
C GLY B 437 8.40 14.53 12.67
N GLY B 438 8.92 15.69 12.26
CA GLY B 438 9.08 15.99 10.84
C GLY B 438 7.75 16.29 10.21
N GLY B 439 7.70 16.17 8.89
CA GLY B 439 6.50 16.48 8.12
C GLY B 439 5.82 15.23 7.62
N ALA B 440 5.00 15.42 6.59
CA ALA B 440 4.09 14.39 6.08
C ALA B 440 4.76 13.24 5.32
N ASP B 441 6.04 13.35 5.02
CA ASP B 441 6.83 12.26 4.38
C ASP B 441 7.44 11.24 5.37
N ASN B 442 7.38 11.54 6.66
CA ASN B 442 7.75 10.57 7.70
C ASN B 442 7.16 9.17 7.43
N PRO B 443 8.02 8.16 7.16
CA PRO B 443 7.54 6.83 6.72
C PRO B 443 6.69 6.05 7.70
N HIS B 444 6.66 6.49 8.96
CA HIS B 444 5.88 5.84 10.01
C HIS B 444 4.43 6.30 10.03
N LEU B 445 4.11 7.39 9.34
CA LEU B 445 2.71 7.84 9.21
C LEU B 445 1.89 6.86 8.34
N PRO B 446 0.68 6.47 8.79
CA PRO B 446 -0.14 5.50 8.05
C PRO B 446 -0.23 5.71 6.53
N HIS B 447 -0.43 6.93 6.05
CA HIS B 447 -0.46 7.13 4.60
C HIS B 447 0.82 6.73 3.86
N ASN B 448 1.95 6.64 4.57
CA ASN B 448 3.18 6.13 3.96
C ASN B 448 3.53 4.66 4.16
N HIS B 449 2.70 3.88 4.88
CA HIS B 449 2.98 2.46 5.07
C HIS B 449 2.91 1.74 3.74
N GLU B 450 3.54 0.57 3.68
CA GLU B 450 3.52 -0.34 2.53
C GLU B 450 2.83 -1.60 3.02
N VAL B 451 2.49 -2.51 2.10
CA VAL B 451 1.78 -3.72 2.45
C VAL B 451 2.76 -4.75 3.10
N ASN B 452 3.91 -4.96 2.47
CA ASN B 452 4.94 -5.84 2.96
C ASN B 452 5.71 -5.18 4.10
N GLN B 453 5.09 -5.13 5.29
CA GLN B 453 5.54 -4.32 6.42
C GLN B 453 4.83 -4.78 7.68
N VAL B 454 5.48 -4.57 8.82
CA VAL B 454 4.85 -4.74 10.13
C VAL B 454 4.75 -3.37 10.85
N VAL B 455 3.57 -3.01 11.32
CA VAL B 455 3.35 -1.82 12.07
C VAL B 455 3.19 -2.13 13.54
N TYR B 456 3.93 -1.38 14.37
CA TYR B 456 3.88 -1.45 15.81
C TYR B 456 3.31 -0.14 16.34
N SER B 457 2.62 -0.21 17.46
CA SER B 457 2.37 0.96 18.28
C SER B 457 3.75 1.37 18.83
N GLY B 458 4.38 0.43 19.53
CA GLY B 458 5.77 0.57 19.88
C GLY B 458 6.45 -0.76 20.05
N THR B 459 7.78 -0.70 20.04
CA THR B 459 8.62 -1.82 20.42
C THR B 459 8.91 -1.85 21.93
N HIS B 460 9.55 -2.93 22.34
CA HIS B 460 10.13 -3.08 23.68
C HIS B 460 11.16 -1.98 24.05
N ASP B 461 11.76 -1.33 23.05
CA ASP B 461 12.65 -0.16 23.25
C ASP B 461 11.94 1.18 23.53
N ASN B 462 10.66 1.29 23.19
CA ASN B 462 9.91 2.52 23.35
C ASN B 462 9.21 2.47 24.68
N ASP B 463 8.75 3.63 25.13
CA ASP B 463 7.86 3.70 26.27
C ASP B 463 6.55 3.05 25.86
N THR B 464 5.66 2.86 26.82
CA THR B 464 4.28 2.48 26.49
C THR B 464 3.64 3.70 25.82
N ILE B 465 2.42 3.54 25.30
CA ILE B 465 1.73 4.63 24.61
C ILE B 465 1.38 5.71 25.60
N ARG B 466 0.79 5.29 26.71
CA ARG B 466 0.41 6.19 27.79
C ARG B 466 1.59 7.02 28.24
N GLY B 467 2.71 6.36 28.52
CA GLY B 467 3.91 7.06 28.98
C GLY B 467 4.50 7.98 27.94
N TRP B 468 4.47 7.52 26.69
CA TRP B 468 4.90 8.29 25.53
C TRP B 468 4.08 9.54 25.33
N TRP B 469 2.77 9.40 25.46
CA TRP B 469 1.82 10.53 25.36
C TRP B 469 1.99 11.55 26.50
N ASP B 470 2.38 11.06 27.68
CA ASP B 470 2.59 11.86 28.88
C ASP B 470 3.79 12.79 28.76
N THR B 471 4.85 12.30 28.13
CA THR B 471 6.10 13.07 27.97
C THR B 471 6.16 13.84 26.67
N LEU B 472 5.12 13.79 25.85
CA LEU B 472 5.22 14.20 24.45
C LEU B 472 5.31 15.71 24.35
N ASP B 473 6.20 16.19 23.47
CA ASP B 473 6.36 17.63 23.19
C ASP B 473 5.08 18.15 22.53
N GLN B 474 4.77 19.41 22.81
CA GLN B 474 3.46 19.98 22.47
C GLN B 474 3.19 20.11 20.97
N GLU B 475 4.23 20.42 20.18
CA GLU B 475 4.12 20.42 18.71
C GLU B 475 3.83 19.00 18.18
N GLU B 476 4.54 18.01 18.70
CA GLU B 476 4.29 16.59 18.38
C GLU B 476 2.89 16.13 18.81
N LYS B 477 2.39 16.64 19.93
CA LYS B 477 1.08 16.23 20.46
C LYS B 477 -0.11 16.72 19.61
N SER B 478 -0.10 17.97 19.21
CA SER B 478 -1.21 18.52 18.41
C SER B 478 -1.16 18.04 16.96
N LYS B 479 0.04 17.71 16.48
CA LYS B 479 0.24 17.01 15.22
C LYS B 479 -0.42 15.62 15.25
N ALA B 480 -0.17 14.87 16.31
CA ALA B 480 -0.78 13.56 16.56
C ALA B 480 -2.30 13.60 16.69
N MET B 481 -2.84 14.63 17.34
CA MET B 481 -4.29 14.80 17.48
C MET B 481 -5.04 14.98 16.15
N LYS B 482 -4.41 15.65 15.20
CA LYS B 482 -4.92 15.76 13.83
C LYS B 482 -4.98 14.45 13.04
N TYR B 483 -4.07 13.50 13.33
CA TYR B 483 -4.01 12.22 12.61
C TYR B 483 -4.83 11.10 13.25
N LEU B 484 -4.95 11.14 14.58
CA LEU B 484 -5.51 10.04 15.35
C LEU B 484 -6.92 10.38 15.72
N SER B 485 -7.71 9.36 16.05
CA SER B 485 -9.05 9.51 16.63
C SER B 485 -9.02 9.28 18.12
N ILE B 486 -9.15 10.38 18.85
CA ILE B 486 -9.04 10.37 20.31
C ILE B 486 -10.36 10.76 21.00
N ALA B 487 -10.85 9.84 21.82
CA ALA B 487 -11.93 10.08 22.76
C ALA B 487 -11.22 10.64 23.99
N GLY B 488 -11.18 9.92 25.12
CA GLY B 488 -10.45 10.39 26.30
C GLY B 488 -8.95 10.09 26.17
N GLU B 489 -8.12 10.88 26.84
CA GLU B 489 -6.67 10.67 26.79
C GLU B 489 -6.26 9.40 27.56
N ASP B 490 -6.98 9.06 28.63
CA ASP B 490 -6.84 7.73 29.24
C ASP B 490 -6.73 6.59 28.23
N ASP B 491 -7.58 6.60 27.22
CA ASP B 491 -7.62 5.56 26.18
C ASP B 491 -6.85 5.94 24.91
N ILE B 492 -5.82 6.77 25.04
CA ILE B 492 -4.90 7.05 23.93
C ILE B 492 -4.32 5.75 23.35
N SER B 493 -4.08 4.76 24.22
CA SER B 493 -3.65 3.41 23.80
C SER B 493 -4.52 2.83 22.68
N TRP B 494 -5.82 2.88 22.89
CA TRP B 494 -6.80 2.35 21.93
C TRP B 494 -6.87 3.13 20.64
N SER B 495 -6.68 4.44 20.70
CA SER B 495 -6.54 5.27 19.50
C SER B 495 -5.33 4.91 18.66
N VAL B 496 -4.19 4.66 19.30
CA VAL B 496 -2.99 4.26 18.57
C VAL B 496 -3.17 2.85 18.02
N ILE B 497 -3.70 1.96 18.83
CA ILE B 497 -3.99 0.57 18.41
C ILE B 497 -4.90 0.57 17.18
N GLN B 498 -5.91 1.44 17.20
CA GLN B 498 -6.81 1.67 16.07
C GLN B 498 -6.07 2.15 14.81
N ALA B 499 -5.18 3.10 14.95
CA ALA B 499 -4.39 3.58 13.83
C ALA B 499 -3.46 2.49 13.29
N ALA B 500 -2.89 1.68 14.16
CA ALA B 500 -2.07 0.53 13.71
C ALA B 500 -2.91 -0.48 12.92
N PHE B 501 -4.09 -0.83 13.41
CA PHE B 501 -4.89 -1.83 12.71
C PHE B 501 -5.45 -1.33 11.37
N SER B 502 -5.74 -0.03 11.28
CA SER B 502 -6.28 0.56 10.05
C SER B 502 -5.26 0.66 8.93
N SER B 503 -4.01 0.34 9.22
CA SER B 503 -2.92 0.39 8.24
C SER B 503 -3.09 -0.64 7.14
N THR B 504 -2.55 -0.32 5.98
CA THR B 504 -2.35 -1.26 4.88
C THR B 504 -1.26 -2.33 5.14
N ALA B 505 -0.40 -2.10 6.14
CA ALA B 505 0.61 -3.08 6.51
C ALA B 505 -0.02 -4.42 6.84
N GLN B 506 0.56 -5.49 6.33
CA GLN B 506 -0.01 -6.82 6.49
C GLN B 506 -0.10 -7.30 7.94
N THR B 507 0.84 -6.88 8.79
CA THR B 507 0.87 -7.34 10.19
C THR B 507 0.95 -6.15 11.15
N ALA B 508 0.15 -6.21 12.20
CA ALA B 508 0.07 -5.20 13.21
C ALA B 508 0.35 -5.86 14.55
N ILE B 509 1.39 -5.40 15.24
CA ILE B 509 1.81 -5.95 16.54
C ILE B 509 1.67 -4.89 17.64
N ILE B 510 1.06 -5.28 18.76
CA ILE B 510 0.88 -4.42 19.91
C ILE B 510 1.53 -5.06 21.14
N PRO B 511 2.32 -4.28 21.91
CA PRO B 511 2.75 -4.74 23.24
C PRO B 511 1.61 -4.95 24.20
N MET B 512 1.67 -6.05 24.99
CA MET B 512 0.68 -6.31 26.03
C MET B 512 0.47 -5.13 26.99
N GLN B 513 1.52 -4.35 27.26
CA GLN B 513 1.37 -3.15 28.11
C GLN B 513 0.31 -2.18 27.60
N ASP B 514 0.23 -2.03 26.28
CA ASP B 514 -0.72 -1.08 25.67
C ASP B 514 -2.14 -1.63 25.60
N ILE B 515 -2.29 -2.93 25.41
CA ILE B 515 -3.62 -3.55 25.57
C ILE B 515 -4.16 -3.37 27.01
N LEU B 516 -3.26 -3.35 28.00
CA LEU B 516 -3.65 -3.07 29.39
C LEU B 516 -3.66 -1.59 29.78
N GLY B 517 -3.24 -0.69 28.87
CA GLY B 517 -3.25 0.77 29.12
C GLY B 517 -2.36 1.22 30.28
N LEU B 518 -1.17 0.63 30.35
CA LEU B 518 -0.21 0.88 31.45
C LEU B 518 0.72 2.06 31.14
N GLY B 519 1.18 2.74 32.22
CA GLY B 519 2.07 3.89 32.16
C GLY B 519 3.52 3.48 32.03
N SER B 520 4.40 4.49 32.04
CA SER B 520 5.87 4.32 31.92
C SER B 520 6.53 3.36 32.92
N SER B 521 5.94 3.17 34.09
CA SER B 521 6.49 2.17 35.01
C SER B 521 6.49 0.76 34.36
N ALA B 522 5.60 0.50 33.39
CA ALA B 522 5.61 -0.77 32.67
C ALA B 522 6.54 -0.84 31.45
N ARG B 523 7.37 0.17 31.23
CA ARG B 523 8.30 0.12 30.09
C ARG B 523 9.25 -1.07 30.27
N MET B 524 9.42 -1.86 29.21
CA MET B 524 10.30 -3.01 29.25
C MET B 524 11.76 -2.62 29.24
N ASN B 525 12.18 -1.81 28.27
CA ASN B 525 13.55 -1.36 28.19
C ASN B 525 13.68 0.11 27.80
N THR B 526 14.64 0.79 28.43
CA THR B 526 15.15 2.09 27.96
C THR B 526 16.58 1.89 27.41
N PRO B 527 16.78 2.11 26.10
CA PRO B 527 18.12 1.98 25.52
C PRO B 527 19.09 2.99 26.06
N ALA B 528 20.36 2.59 26.20
CA ALA B 528 21.45 3.40 26.79
C ALA B 528 21.25 3.61 28.28
N THR B 529 20.76 2.58 28.96
CA THR B 529 20.69 2.52 30.43
C THR B 529 21.06 1.08 30.83
N GLU B 530 21.59 0.92 32.05
CA GLU B 530 22.10 -0.35 32.52
C GLU B 530 21.26 -0.98 33.65
N VAL B 531 20.44 -0.20 34.35
CA VAL B 531 19.66 -0.69 35.50
C VAL B 531 18.18 -0.49 35.26
N GLY B 532 17.39 -1.46 35.72
CA GLY B 532 15.91 -1.37 35.73
C GLY B 532 15.16 -1.76 34.46
N ASN B 533 15.76 -2.65 33.65
CA ASN B 533 15.16 -3.12 32.40
C ASN B 533 14.81 -4.61 32.42
N TRP B 534 13.97 -5.03 31.48
CA TRP B 534 13.64 -6.44 31.23
C TRP B 534 12.88 -7.14 32.38
N GLY B 535 12.33 -6.31 33.28
CA GLY B 535 11.74 -6.75 34.53
C GLY B 535 10.22 -6.73 34.60
N TRP B 536 9.54 -6.11 33.62
CA TRP B 536 8.08 -5.94 33.68
C TRP B 536 7.33 -7.28 33.69
N ARG B 537 6.37 -7.40 34.56
CA ARG B 537 5.49 -8.53 34.60
C ARG B 537 4.02 -8.08 34.62
N ILE B 538 3.16 -8.94 34.12
CA ILE B 538 1.75 -8.73 34.23
C ILE B 538 1.46 -8.65 35.73
N PRO B 539 0.71 -7.62 36.18
CA PRO B 539 0.28 -7.51 37.58
C PRO B 539 -0.34 -8.79 38.08
N SER B 540 0.02 -9.22 39.29
CA SER B 540 -0.45 -10.53 39.83
C SER B 540 -1.96 -10.67 39.89
N SER B 541 -2.67 -9.54 40.00
CA SER B 541 -4.13 -9.53 40.07
C SER B 541 -4.87 -9.50 38.71
N THR B 542 -4.17 -9.33 37.59
CA THR B 542 -4.78 -9.42 36.24
C THR B 542 -4.61 -10.85 35.75
N SER B 543 -5.71 -11.51 35.41
CA SER B 543 -5.63 -12.85 34.82
C SER B 543 -6.22 -12.82 33.41
N PHE B 544 -5.90 -13.84 32.61
CA PHE B 544 -6.47 -13.94 31.25
C PHE B 544 -7.98 -14.23 31.18
N ASP B 545 -8.57 -14.66 32.30
CA ASP B 545 -10.04 -14.75 32.47
C ASP B 545 -10.72 -13.41 32.83
N ASN B 546 -9.98 -12.37 33.19
CA ASN B 546 -10.56 -11.05 33.47
C ASN B 546 -10.25 -10.01 32.40
N LEU B 547 -9.99 -10.45 31.17
CA LEU B 547 -9.73 -9.54 30.07
C LEU B 547 -10.70 -9.79 28.92
N GLU B 548 -11.96 -10.06 29.23
CA GLU B 548 -13.00 -10.23 28.20
C GLU B 548 -13.30 -8.89 27.44
N THR B 549 -13.40 -7.78 28.15
CA THR B 549 -13.63 -6.47 27.54
C THR B 549 -12.54 -6.10 26.56
N GLU B 550 -11.29 -6.34 26.95
CA GLU B 550 -10.14 -6.03 26.10
C GLU B 550 -10.21 -6.93 24.90
N SER B 551 -10.40 -8.22 25.14
CA SER B 551 -10.56 -9.17 24.05
C SER B 551 -11.62 -8.73 23.01
N ASP B 552 -12.83 -8.38 23.48
CA ASP B 552 -13.93 -7.95 22.60
C ASP B 552 -13.58 -6.68 21.83
N ARG B 553 -13.04 -5.70 22.54
CA ARG B 553 -12.72 -4.44 21.93
C ARG B 553 -11.70 -4.61 20.80
N LEU B 554 -10.71 -5.45 21.05
CA LEU B 554 -9.75 -5.86 20.01
C LEU B 554 -10.39 -6.61 18.85
N ARG B 555 -11.21 -7.60 19.18
CA ARG B 555 -11.86 -8.40 18.16
C ARG B 555 -12.68 -7.48 17.22
N ASP B 556 -13.43 -6.54 17.79
CA ASP B 556 -14.14 -5.51 17.04
C ASP B 556 -13.23 -4.75 16.06
N LEU B 557 -12.05 -4.35 16.51
CA LEU B 557 -11.12 -3.62 15.65
C LEU B 557 -10.55 -4.49 14.51
N LEU B 558 -10.18 -5.73 14.81
CA LEU B 558 -9.63 -6.64 13.76
C LEU B 558 -10.69 -6.95 12.70
N SER B 559 -11.91 -7.16 13.15
CA SER B 559 -13.06 -7.33 12.27
C SER B 559 -13.21 -6.13 11.34
N LEU B 560 -13.29 -4.96 11.92
CA LEU B 560 -13.41 -3.69 11.19
C LEU B 560 -12.30 -3.46 10.17
N TYR B 561 -11.07 -3.82 10.48
CA TYR B 561 -9.97 -3.62 9.56
C TYR B 561 -9.49 -4.89 8.83
N GLY B 562 -10.34 -5.92 8.82
CA GLY B 562 -10.11 -7.14 8.06
C GLY B 562 -8.87 -7.91 8.47
N ARG B 563 -8.57 -7.92 9.76
CA ARG B 563 -7.42 -8.63 10.31
C ARG B 563 -7.78 -9.93 11.05
N LEU B 564 -9.06 -10.30 11.11
CA LEU B 564 -9.46 -11.61 11.64
C LEU B 564 -9.01 -12.71 10.67
C1 GLC C . -22.82 6.43 -19.66
C2 GLC C . -24.11 6.33 -18.83
C3 GLC C . -25.17 5.50 -19.56
C4 GLC C . -25.39 6.11 -20.93
C5 GLC C . -24.08 6.06 -21.71
C6 GLC C . -24.17 6.63 -23.11
O2 GLC C . -23.82 5.79 -17.56
O3 GLC C . -26.38 5.51 -18.83
O4 GLC C . -26.44 5.41 -21.62
O5 GLC C . -23.09 6.82 -21.00
O6 GLC C . -25.04 7.76 -23.22
C1 AGL C . -27.62 6.14 -21.89
C2 AGL C . -28.84 5.27 -21.61
C3 AGL C . -29.07 4.25 -22.71
C4 AGL C . -29.11 4.92 -24.08
C5 AGL C . -27.75 5.67 -24.26
C6 AGL C . -27.66 6.40 -25.58
O2 AGL C . -28.68 4.60 -20.37
O3 AGL C . -30.30 3.59 -22.48
N4 AGL C . -29.20 3.92 -25.16
O5 AGL C . -27.65 6.65 -23.21
C2 BGC D . -19.98 -2.72 -5.75
C3 BGC D . -20.63 -2.53 -7.11
C4 BGC D . -19.74 -1.69 -8.03
C5 BGC D . -18.32 -2.25 -8.04
C6 BGC D . -17.33 -1.40 -8.79
C1 BGC D . -18.56 -3.28 -5.91
O1 BGC D . -17.93 -3.41 -4.67
O2 BGC D . -20.75 -3.60 -4.95
O3 BGC D . -21.90 -1.92 -6.93
O4 BGC D . -20.26 -1.70 -9.37
O5 BGC D . -17.82 -2.37 -6.71
O6 BGC D . -16.18 -2.17 -9.08
C1 GLC D . -21.18 -0.69 -9.72
C2 GLC D . -22.11 -1.24 -10.80
C3 GLC D . -21.34 -1.49 -12.10
C4 GLC D . -20.64 -0.21 -12.53
C5 GLC D . -19.78 0.35 -11.40
C6 GLC D . -19.20 1.73 -11.67
O2 GLC D . -22.72 -2.45 -10.36
O3 GLC D . -22.22 -1.99 -13.11
O4 GLC D . -19.78 -0.52 -13.64
O5 GLC D . -20.56 0.49 -10.18
O6 GLC D . -20.21 2.72 -11.80
C1 AGL D . -20.29 -0.50 -14.95
C2 AGL D . -19.15 -0.52 -15.94
C3 AGL D . -18.40 0.81 -15.90
C4 AGL D . -19.35 1.92 -16.34
C5 AGL D . -20.44 1.91 -15.23
C6 AGL D . -21.54 2.93 -15.49
O2 AGL D . -18.29 -1.62 -15.68
O3 AGL D . -17.24 0.75 -16.74
N4 AGL D . -18.88 3.32 -16.39
O5 AGL D . -21.12 0.64 -15.19
C1 GLC E . 19.46 -3.47 23.81
C2 GLC E . 19.31 -2.17 24.62
C3 GLC E . 20.65 -1.59 25.03
C4 GLC E . 21.49 -2.67 25.70
C5 GLC E . 21.66 -3.83 24.73
C6 GLC E . 22.48 -4.98 25.26
O2 GLC E . 18.56 -1.22 23.89
O3 GLC E . 20.45 -0.52 25.94
O4 GLC E . 22.74 -2.12 26.13
O5 GLC E . 20.36 -4.36 24.43
O6 GLC E . 22.03 -5.39 26.55
C1 AGL E . 22.96 -2.08 27.53
C2 AGL E . 23.67 -0.80 27.94
C3 AGL E . 25.14 -0.82 27.56
C4 AGL E . 25.82 -2.08 28.10
C5 AGL E . 25.05 -3.29 27.47
C6 AGL E . 25.59 -4.62 27.93
O2 AGL E . 23.05 0.34 27.33
O3 AGL E . 25.78 0.32 28.09
N4 AGL E . 27.24 -2.14 27.71
O5 AGL E . 23.68 -3.23 27.95
C2 BGC F . 13.04 8.82 14.09
C3 BGC F . 14.15 8.15 14.90
C4 BGC F . 14.04 6.62 14.85
C5 BGC F . 13.85 6.15 13.41
C6 BGC F . 13.55 4.69 13.25
C1 BGC F . 12.97 8.22 12.69
O1 BGC F . 11.95 8.82 11.97
O2 BGC F . 13.28 10.21 14.00
O3 BGC F . 14.09 8.65 16.23
O4 BGC F . 15.26 6.05 15.36
O5 BGC F . 12.74 6.83 12.79
O6 BGC F . 13.83 4.29 11.91
C1 GLC F . 15.38 5.86 16.75
C2 GLC F . 16.85 5.99 17.17
C3 GLC F . 17.67 4.81 16.68
C4 GLC F . 17.01 3.47 17.06
C5 GLC F . 15.55 3.47 16.64
C6 GLC F . 14.78 2.27 17.13
O2 GLC F . 17.38 7.21 16.66
O3 GLC F . 18.98 4.89 17.22
O4 GLC F . 17.68 2.43 16.35
O5 GLC F . 14.87 4.61 17.18
O6 GLC F . 14.62 2.27 18.55
C1 AGL F . 18.84 1.83 16.90
C2 AGL F . 19.16 0.54 16.15
C3 AGL F . 18.12 -0.53 16.49
C4 AGL F . 18.17 -0.83 17.98
C5 AGL F . 17.72 0.54 18.62
C6 AGL F . 17.67 0.54 20.13
O2 AGL F . 19.22 0.77 14.75
O3 AGL F . 18.38 -1.70 15.73
N4 AGL F . 17.29 -1.83 18.57
O5 AGL F . 18.68 1.55 18.28
C1 EDO G . -24.37 10.53 -55.45
O1 EDO G . -25.24 11.65 -55.16
C2 EDO G . -25.17 9.23 -55.57
O2 EDO G . -26.11 9.09 -54.50
C1 EDO H . -1.54 9.08 -22.74
O1 EDO H . -0.32 9.64 -22.23
C2 EDO H . -2.71 10.03 -22.55
O2 EDO H . -2.43 11.37 -23.00
C1 HMC I . -30.48 3.64 -25.83
C2 HMC I . -30.98 2.22 -25.52
O2 HMC I . -29.97 1.28 -25.84
C3 HMC I . -32.26 1.87 -26.27
O3 HMC I . -33.39 2.06 -25.43
C4 HMC I . -32.44 2.69 -27.55
O4 HMC I . -33.16 1.94 -28.52
C5 HMC I . -31.15 3.23 -28.13
C6 HMC I . -30.23 3.73 -27.32
C7 HMC I . -30.98 3.24 -29.62
O7 HMC I . -29.66 2.95 -29.99
C1 HMC J . -18.49 4.03 -17.67
C2 HMC J . -18.81 5.54 -17.66
O2 HMC J . -18.36 6.11 -16.44
C3 HMC J . -20.31 5.77 -17.88
O3 HMC J . -20.61 7.14 -17.63
C4 HMC J . -20.68 5.39 -19.32
O4 HMC J . -22.09 5.23 -19.54
C5 HMC J . -19.92 4.12 -19.77
C6 HMC J . -19.01 3.50 -19.03
C7 HMC J . -20.29 3.58 -21.13
O7 HMC J . -21.41 4.23 -21.67
C1 EDO K . 12.25 0.87 32.24
O1 EDO K . 13.40 1.54 31.73
C2 EDO K . 11.62 1.67 33.38
O2 EDO K . 10.87 0.79 34.24
C1 HMC L . 28.28 -2.01 28.75
C2 HMC L . 29.35 -0.96 28.41
O2 HMC L . 29.91 -1.24 27.12
C3 HMC L . 30.47 -0.89 29.45
O3 HMC L . 30.12 0.03 30.47
C4 HMC L . 30.79 -2.26 30.09
O4 HMC L . 32.20 -2.47 30.06
C5 HMC L . 30.09 -3.44 29.48
C6 HMC L . 28.92 -3.35 28.87
C7 HMC L . 30.77 -4.77 29.61
O7 HMC L . 31.68 -4.99 28.54
C1 HMC M . 17.69 -3.27 18.79
C2 HMC M . 17.01 -3.93 20.00
O2 HMC M . 15.60 -3.74 19.92
C3 HMC M . 17.60 -3.35 21.29
O3 HMC M . 16.75 -3.70 22.38
C4 HMC M . 19.03 -3.89 21.48
O4 HMC M . 19.79 -3.17 22.46
C5 HMC M . 19.77 -3.93 20.14
C6 HMC M . 19.19 -3.60 18.99
C7 HMC M . 21.22 -4.31 20.18
O7 HMC M . 21.62 -4.98 21.36
#